data_3SDY
#
_entry.id   3SDY
#
_cell.length_a   197.750
_cell.length_b   197.750
_cell.length_c   197.750
_cell.angle_alpha   90.00
_cell.angle_beta   90.00
_cell.angle_gamma   90.00
#
_symmetry.space_group_name_H-M   'P 21 3'
#
loop_
_entity.id
_entity.type
_entity.pdbx_description
1 polymer 'Hemagglutinin HA1 chain'
2 polymer 'Hemagglutinin HA2 chain'
3 polymer 'Antibody CR8020, Heavy Chain'
4 polymer 'Antibody CR8020, Light Chain'
5 branched alpha-D-mannopyranose-(1-6)-beta-D-mannopyranose-(1-4)-2-acetamido-2-deoxy-beta-D-glucopyranose-(1-4)-2-acetamido-2-deoxy-beta-D-glucopyranose
6 branched alpha-D-mannopyranose-(1-3)-[alpha-D-mannopyranose-(1-6)]beta-D-mannopyranose-(1-4)-2-acetamido-2-deoxy-beta-D-glucopyranose-(1-4)-[alpha-L-fucopyranose-(1-6)]2-acetamido-2-deoxy-beta-D-glucopyranose
7 branched alpha-D-mannopyranose-(1-3)-beta-D-mannopyranose-(1-4)-2-acetamido-2-deoxy-beta-D-glucopyranose-(1-4)-2-acetamido-2-deoxy-beta-D-glucopyranose
8 branched 2-acetamido-2-deoxy-beta-D-glucopyranose-(1-4)-2-acetamido-2-deoxy-beta-D-glucopyranose
9 branched beta-D-mannopyranose-(1-4)-2-acetamido-2-deoxy-beta-D-glucopyranose-(1-4)-[alpha-L-fucopyranose-(1-6)]2-acetamido-2-deoxy-beta-D-glucopyranose
10 non-polymer 'SULFATE ION'
#
loop_
_entity_poly.entity_id
_entity_poly.type
_entity_poly.pdbx_seq_one_letter_code
_entity_poly.pdbx_strand_id
1 'polypeptide(L)'
;ADPGATLCLGHHAVPNGTLVKTITDDQIEVTNATELVQSSSTGKICNNPHRILDGIDCTLIDALLGDPHCDVFQNETWDL
FVERSKAFSNCYPYDVPDYASLRSLVASSGTLEFITEGFTWTGVTQNGGSNACKRGPGSGFFSRLNWLTKSGSTYPVLNV
TMPNNDNFDKLYIWGVHHPSTNQEQTSLYVQASGRVTVSTRRSQQTIIPNIGSRPWVRGLSSRISIYWTIVKPGDVLVIN
SNGNLIAPRGYFKMRTGKSSIMRSDAPIDTCISECITPNGSIPNDKPFQNVNKITYGACPKYVKQNTLKLATGMRNVPEK
QTR
;
A
2 'polypeptide(L)'
;GLFGAIAGFIENGWEGMIDGWYGFRHQNSEGTGQAADLKSTQAAIDQINGKLNRVIEKTNEKFHQIEKEFSEVEGRIQDL
EKYVEDTKIDLWSYNAELLVALENQHTIDLTDSEMNKLFEKTGRQLRENAEDMGNGCFKIYHKCDNACIESIRNGTYDHD
VYRDEALNNRFQIKGV
;
B
3 'polypeptide(L)'
;(PCA)VQLQQSGAEVKTPGASVKVSCKASGYTFTSFGVSWIRQAPGQGLEWIGWISAYNGDTYYAQKFQARVTMTTDTST
TTAYMEMRSLRSDDTAVYYCAREPPLFYSSWSLDNWGQGTLVTVSSASTKGPSVFPLAPSSKSTSGGTAALGCLVKDYFP
EPVTVSWNSGALTSGVHTFPAVLQSSGLYSLSSVVTVPSSSLGTQTYICNVNHKPSNTKVDKRVEPKSCDK
;
H
4 'polypeptide(L)'
;QEIVMTQSPGTLSLSPGERATLSCRASQSVSMNYLAWFQQKPGQAPRLLIYGASRRATGIPDRISGSGSGTDFTLTISRL
EPADFAVYYCQQYGTSPRTFGQGAKVEIKRTVAAPSVFIFPPSDEQLKSGTASVVCLLNNFYPREAKVQWKVDNALQSGN
SQESVTEQDSKDSTYSLSSTLTLSKADYEKHKVYACEVTHQGLSSPVTKSFNRGEC
;
L
#
# COMPACT_ATOMS: atom_id res chain seq x y z
N PRO A 3 -0.83 11.86 51.72
CA PRO A 3 -1.22 12.72 50.61
C PRO A 3 -0.13 12.84 49.53
N GLY A 4 -0.02 14.00 48.91
CA GLY A 4 1.02 14.22 47.92
C GLY A 4 0.66 13.63 46.56
N ALA A 5 1.69 13.20 45.83
CA ALA A 5 1.51 12.74 44.46
C ALA A 5 2.84 12.22 43.91
N THR A 6 2.77 11.50 42.80
CA THR A 6 3.97 10.92 42.19
C THR A 6 3.94 11.16 40.69
N LEU A 7 4.95 11.86 40.20
CA LEU A 7 5.10 12.09 38.77
C LEU A 7 6.29 11.31 38.25
N CYS A 8 6.05 10.41 37.32
CA CYS A 8 7.06 9.46 36.86
C CYS A 8 7.42 9.72 35.41
N LEU A 9 8.71 9.90 35.16
CA LEU A 9 9.19 10.03 33.80
C LEU A 9 9.51 8.68 33.17
N GLY A 10 9.16 8.55 31.90
CA GLY A 10 9.33 7.29 31.20
C GLY A 10 9.50 7.49 29.72
N HIS A 11 9.85 6.40 29.04
CA HIS A 11 9.97 6.38 27.58
C HIS A 11 9.14 5.21 27.08
N HIS A 12 9.09 5.01 25.75
CA HIS A 12 8.25 3.95 25.21
C HIS A 12 9.06 2.71 24.90
N ALA A 13 8.35 1.65 24.50
CA ALA A 13 8.97 0.38 24.17
C ALA A 13 8.09 -0.35 23.18
N VAL A 14 8.66 -1.36 22.52
CA VAL A 14 7.90 -2.19 21.60
C VAL A 14 8.08 -3.65 21.95
N PRO A 15 7.12 -4.50 21.55
CA PRO A 15 7.14 -5.92 21.93
C PRO A 15 8.34 -6.68 21.36
N ASN A 16 8.58 -6.51 20.07
CA ASN A 16 9.76 -7.09 19.44
C ASN A 16 10.53 -6.02 18.68
N GLY A 17 11.73 -5.73 19.15
CA GLY A 17 12.54 -4.68 18.58
C GLY A 17 13.36 -5.22 17.43
N THR A 18 14.47 -4.55 17.16
CA THR A 18 15.39 -4.98 16.11
C THR A 18 16.80 -4.93 16.65
N LEU A 19 17.66 -5.79 16.14
CA LEU A 19 19.04 -5.83 16.59
C LEU A 19 19.91 -5.03 15.63
N VAL A 20 20.80 -4.22 16.20
CA VAL A 20 21.69 -3.38 15.41
C VAL A 20 23.12 -3.50 15.95
N LYS A 21 24.08 -3.02 15.17
CA LYS A 21 25.47 -3.01 15.60
C LYS A 21 25.84 -1.61 16.08
N THR A 22 26.67 -1.53 17.13
CA THR A 22 27.19 -0.26 17.61
C THR A 22 28.71 -0.33 17.68
N ILE A 23 29.34 0.69 18.27
CA ILE A 23 30.78 0.64 18.48
C ILE A 23 31.13 -0.46 19.47
N THR A 24 30.41 -0.48 20.60
CA THR A 24 30.72 -1.39 21.71
C THR A 24 29.94 -2.72 21.73
N ASP A 25 28.89 -2.86 20.93
CA ASP A 25 28.05 -4.06 20.95
C ASP A 25 27.87 -4.61 19.54
N ASP A 26 27.96 -5.93 19.39
CA ASP A 26 27.78 -6.54 18.09
C ASP A 26 26.28 -6.64 17.78
N GLN A 27 25.51 -7.01 18.79
CA GLN A 27 24.06 -7.09 18.63
C GLN A 27 23.36 -6.44 19.83
N ILE A 28 22.61 -5.38 19.59
CA ILE A 28 21.87 -4.70 20.66
C ILE A 28 20.49 -4.26 20.15
N GLU A 29 19.48 -4.33 21.01
CA GLU A 29 18.10 -4.16 20.57
C GLU A 29 17.56 -2.73 20.71
N VAL A 30 17.26 -2.10 19.58
CA VAL A 30 16.56 -0.82 19.56
C VAL A 30 15.08 -1.03 19.16
N THR A 31 14.29 0.02 19.22
CA THR A 31 12.85 -0.08 18.97
C THR A 31 12.55 -0.23 17.49
N ASN A 32 13.35 0.43 16.67
CA ASN A 32 13.15 0.41 15.24
C ASN A 32 14.45 0.67 14.47
N ALA A 33 14.59 0.07 13.30
CA ALA A 33 15.72 0.34 12.42
C ALA A 33 15.35 0.19 10.95
N THR A 34 16.15 0.79 10.08
CA THR A 34 15.92 0.69 8.64
C THR A 34 17.16 0.12 7.93
N GLU A 35 16.94 -0.68 6.89
CA GLU A 35 18.00 -1.37 6.16
C GLU A 35 18.70 -0.47 5.13
N LEU A 36 20.03 -0.44 5.18
CA LEU A 36 20.82 0.38 4.25
C LEU A 36 21.44 -0.39 3.06
N VAL A 37 21.29 -1.70 3.02
CA VAL A 37 21.85 -2.48 1.91
C VAL A 37 20.73 -3.10 1.07
N GLN A 38 20.68 -2.75 -0.22
CA GLN A 38 19.67 -3.30 -1.10
C GLN A 38 20.09 -4.69 -1.51
N SER A 39 19.36 -5.70 -1.04
CA SER A 39 19.74 -7.09 -1.25
C SER A 39 18.97 -7.82 -2.35
N SER A 40 17.97 -7.16 -2.93
CA SER A 40 17.05 -7.86 -3.84
C SER A 40 16.82 -7.13 -5.15
N SER A 41 16.39 -7.90 -6.16
CA SER A 41 16.05 -7.36 -7.47
C SER A 41 14.68 -7.87 -7.92
N THR A 42 14.02 -7.11 -8.79
CA THR A 42 12.78 -7.57 -9.40
C THR A 42 13.05 -8.71 -10.38
N GLY A 43 14.25 -8.72 -10.93
CA GLY A 43 14.67 -9.80 -11.82
C GLY A 43 14.59 -9.40 -13.27
N LYS A 44 14.12 -8.19 -13.52
CA LYS A 44 13.99 -7.71 -14.89
C LYS A 44 14.43 -6.27 -15.06
N ILE A 45 15.03 -6.00 -16.22
CA ILE A 45 15.61 -4.70 -16.53
C ILE A 45 14.52 -3.75 -17.01
N CYS A 46 14.32 -2.64 -16.29
CA CYS A 46 13.29 -1.67 -16.64
C CYS A 46 13.71 -0.84 -17.84
N ASN A 47 12.77 -0.58 -18.74
CA ASN A 47 13.08 0.00 -20.04
C ASN A 47 12.95 1.53 -20.08
N ASN A 48 12.71 2.13 -18.91
CA ASN A 48 12.89 3.57 -18.70
C ASN A 48 13.62 3.81 -17.39
N PRO A 49 14.20 5.01 -17.22
CA PRO A 49 14.33 6.10 -18.19
C PRO A 49 15.27 5.78 -19.35
N HIS A 50 16.39 5.12 -19.04
CA HIS A 50 17.45 4.88 -20.00
C HIS A 50 16.94 4.14 -21.22
N ARG A 51 17.51 4.44 -22.38
CA ARG A 51 17.12 3.73 -23.59
C ARG A 51 17.82 2.39 -23.54
N ILE A 52 17.06 1.32 -23.45
CA ILE A 52 17.65 -0.01 -23.39
C ILE A 52 17.55 -0.64 -24.75
N LEU A 53 18.69 -0.99 -25.33
CA LEU A 53 18.66 -1.67 -26.60
C LEU A 53 18.92 -3.15 -26.37
N ASP A 54 17.88 -3.96 -26.53
CA ASP A 54 18.01 -5.39 -26.35
C ASP A 54 18.68 -5.91 -27.60
N GLY A 55 19.82 -6.57 -27.42
CA GLY A 55 20.64 -6.99 -28.54
C GLY A 55 20.31 -8.40 -28.97
N ILE A 56 19.42 -9.05 -28.23
CA ILE A 56 18.91 -10.37 -28.61
C ILE A 56 20.06 -11.29 -29.08
N ASP A 57 19.97 -11.84 -30.28
CA ASP A 57 20.96 -12.81 -30.76
C ASP A 57 22.19 -12.14 -31.41
N CYS A 58 22.21 -10.82 -31.39
CA CYS A 58 23.34 -10.07 -31.93
C CYS A 58 24.26 -9.52 -30.85
N THR A 59 25.55 -9.65 -31.09
CA THR A 59 26.56 -8.98 -30.27
C THR A 59 26.80 -7.62 -30.91
N LEU A 60 27.05 -6.60 -30.09
CA LEU A 60 27.17 -5.24 -30.61
C LEU A 60 28.12 -5.13 -31.80
N ILE A 61 29.19 -5.91 -31.79
CA ILE A 61 30.15 -5.87 -32.90
C ILE A 61 29.52 -6.42 -34.19
N ASP A 62 28.75 -7.49 -34.06
CA ASP A 62 28.01 -8.05 -35.20
C ASP A 62 27.05 -7.04 -35.82
N ALA A 63 26.43 -6.22 -34.97
CA ALA A 63 25.50 -5.21 -35.47
C ALA A 63 26.28 -4.05 -36.07
N LEU A 64 27.47 -3.80 -35.52
CA LEU A 64 28.40 -2.84 -36.11
C LEU A 64 28.69 -3.21 -37.55
N LEU A 65 29.26 -4.40 -37.74
CA LEU A 65 29.72 -4.87 -39.03
C LEU A 65 28.61 -5.08 -40.06
N GLY A 66 27.38 -5.33 -39.61
CA GLY A 66 26.28 -5.53 -40.54
C GLY A 66 25.92 -6.99 -40.83
N ASP A 67 26.26 -7.89 -39.91
CA ASP A 67 25.85 -9.28 -40.01
C ASP A 67 24.36 -9.30 -40.37
N PRO A 68 23.97 -10.09 -41.39
CA PRO A 68 22.61 -10.04 -41.95
C PRO A 68 21.47 -10.15 -40.93
N HIS A 69 21.54 -11.13 -40.04
CA HIS A 69 20.43 -11.32 -39.09
C HIS A 69 20.42 -10.21 -38.04
N CYS A 70 21.47 -9.38 -38.07
CA CYS A 70 21.57 -8.21 -37.20
C CYS A 70 21.07 -6.93 -37.88
N ASP A 71 20.56 -7.06 -39.10
CA ASP A 71 20.23 -5.87 -39.87
C ASP A 71 19.23 -4.96 -39.18
N VAL A 72 18.46 -5.50 -38.24
CA VAL A 72 17.46 -4.70 -37.56
C VAL A 72 18.11 -3.55 -36.76
N PHE A 73 19.42 -3.61 -36.59
CA PHE A 73 20.13 -2.66 -35.72
C PHE A 73 20.71 -1.42 -36.40
N GLN A 74 20.63 -1.33 -37.72
CA GLN A 74 21.20 -0.19 -38.43
C GLN A 74 20.68 1.12 -37.86
N ASN A 75 21.58 2.09 -37.71
CA ASN A 75 21.21 3.42 -37.21
C ASN A 75 20.53 3.39 -35.84
N GLU A 76 20.80 2.36 -35.05
CA GLU A 76 20.24 2.25 -33.71
C GLU A 76 21.02 3.09 -32.71
N THR A 77 20.35 3.53 -31.67
CA THR A 77 21.01 4.27 -30.59
C THR A 77 20.65 3.63 -29.26
N TRP A 78 21.47 3.87 -28.25
CA TRP A 78 21.19 3.31 -26.94
C TRP A 78 21.87 4.08 -25.83
N ASP A 79 21.32 3.93 -24.63
CA ASP A 79 21.97 4.36 -23.40
C ASP A 79 22.69 3.14 -22.86
N LEU A 80 21.95 2.09 -22.58
CA LEU A 80 22.55 0.80 -22.25
C LEU A 80 22.23 -0.23 -23.32
N PHE A 81 23.29 -0.79 -23.91
CA PHE A 81 23.13 -1.90 -24.86
C PHE A 81 23.25 -3.24 -24.12
N VAL A 82 22.18 -4.02 -24.13
CA VAL A 82 22.21 -5.30 -23.41
C VAL A 82 22.57 -6.47 -24.34
N GLU A 83 23.76 -7.01 -24.12
CA GLU A 83 24.30 -8.07 -24.97
C GLU A 83 23.98 -9.41 -24.32
N ARG A 84 23.38 -10.34 -25.07
CA ARG A 84 22.92 -11.58 -24.47
C ARG A 84 23.90 -12.73 -24.62
N SER A 85 23.58 -13.84 -23.96
CA SER A 85 24.38 -15.05 -24.00
C SER A 85 24.04 -15.91 -25.22
N LYS A 86 22.79 -15.85 -25.65
CA LYS A 86 22.32 -16.62 -26.80
C LYS A 86 22.87 -16.05 -28.11
N ALA A 87 23.60 -14.95 -28.01
CA ALA A 87 24.08 -14.24 -29.19
C ALA A 87 25.06 -15.10 -29.96
N PHE A 88 25.26 -14.75 -31.23
CA PHE A 88 26.10 -15.52 -32.14
C PHE A 88 26.20 -14.79 -33.47
N SER A 89 27.20 -15.19 -34.26
CA SER A 89 27.43 -14.55 -35.55
C SER A 89 27.19 -15.53 -36.68
N ASN A 90 26.33 -15.14 -37.61
CA ASN A 90 26.03 -15.97 -38.79
C ASN A 90 26.79 -15.54 -40.05
N CYS A 91 27.63 -14.51 -39.94
CA CYS A 91 28.30 -13.94 -41.11
C CYS A 91 29.65 -14.61 -41.38
N TYR A 92 30.36 -14.12 -42.39
CA TYR A 92 31.71 -14.58 -42.68
C TYR A 92 32.53 -14.52 -41.40
N PRO A 93 33.20 -15.62 -41.05
CA PRO A 93 33.96 -15.63 -39.80
C PRO A 93 35.07 -14.59 -39.79
N TYR A 94 35.37 -14.06 -38.60
CA TYR A 94 36.36 -13.00 -38.47
C TYR A 94 37.05 -13.03 -37.12
N ASP A 95 38.00 -12.13 -36.94
CA ASP A 95 38.65 -11.93 -35.65
C ASP A 95 38.97 -10.45 -35.52
N VAL A 96 38.98 -9.96 -34.29
CA VAL A 96 39.17 -8.54 -34.04
C VAL A 96 40.29 -8.28 -33.04
N PRO A 97 41.50 -8.01 -33.53
CA PRO A 97 42.56 -7.65 -32.59
C PRO A 97 42.07 -6.55 -31.66
N ASP A 98 42.24 -6.75 -30.35
CA ASP A 98 41.73 -5.80 -29.36
C ASP A 98 40.21 -5.64 -29.51
N TYR A 99 39.52 -6.78 -29.64
CA TYR A 99 38.06 -6.82 -29.70
C TYR A 99 37.47 -6.01 -28.56
N ALA A 100 37.96 -6.29 -27.36
CA ALA A 100 37.42 -5.71 -26.13
C ALA A 100 37.30 -4.19 -26.23
N SER A 101 38.34 -3.55 -26.77
CA SER A 101 38.41 -2.09 -26.78
C SER A 101 37.55 -1.48 -27.88
N LEU A 102 37.41 -2.18 -29.00
CA LEU A 102 36.52 -1.72 -30.05
C LEU A 102 35.09 -1.76 -29.51
N ARG A 103 34.71 -2.93 -28.99
CA ARG A 103 33.43 -3.10 -28.33
C ARG A 103 33.21 -1.99 -27.31
N SER A 104 34.26 -1.67 -26.56
CA SER A 104 34.17 -0.63 -25.54
C SER A 104 33.87 0.75 -26.14
N LEU A 105 34.71 1.22 -27.06
CA LEU A 105 34.55 2.57 -27.58
C LEU A 105 33.25 2.74 -28.38
N VAL A 106 32.80 1.68 -29.02
CA VAL A 106 31.53 1.73 -29.72
C VAL A 106 30.38 1.77 -28.71
N ALA A 107 30.41 0.86 -27.75
CA ALA A 107 29.40 0.87 -26.69
C ALA A 107 29.35 2.22 -25.99
N SER A 108 30.47 2.95 -26.00
CA SER A 108 30.53 4.28 -25.40
C SER A 108 29.91 5.32 -26.32
N SER A 109 30.20 5.20 -27.61
CA SER A 109 29.63 6.09 -28.61
C SER A 109 28.11 6.14 -28.46
N GLY A 110 27.50 4.97 -28.28
CA GLY A 110 26.09 4.88 -28.02
C GLY A 110 25.24 5.03 -29.27
N THR A 111 25.86 4.92 -30.43
CA THR A 111 25.13 5.03 -31.69
C THR A 111 25.79 4.19 -32.78
N LEU A 112 24.95 3.54 -33.59
CA LEU A 112 25.39 2.83 -34.78
C LEU A 112 25.19 3.62 -36.07
N GLU A 113 24.80 4.88 -35.94
CA GLU A 113 24.45 5.70 -37.10
C GLU A 113 25.55 5.66 -38.14
N PHE A 114 25.18 5.26 -39.36
CA PHE A 114 26.14 5.07 -40.44
C PHE A 114 25.89 6.05 -41.56
N ILE A 115 26.96 6.72 -42.00
CA ILE A 115 26.90 7.66 -43.10
C ILE A 115 27.64 7.07 -44.28
N THR A 116 26.88 6.75 -45.33
CA THR A 116 27.44 6.14 -46.54
C THR A 116 28.17 7.19 -47.35
N GLU A 117 29.43 6.90 -47.69
CA GLU A 117 30.24 7.82 -48.47
C GLU A 117 30.45 7.40 -49.93
N GLY A 118 31.16 8.24 -50.66
CA GLY A 118 31.26 8.16 -52.10
C GLY A 118 32.49 7.45 -52.64
N PHE A 119 33.09 6.56 -51.87
CA PHE A 119 34.31 5.90 -52.30
C PHE A 119 34.12 5.33 -53.70
N THR A 120 35.04 5.68 -54.61
CA THR A 120 34.99 5.20 -55.99
C THR A 120 36.10 4.18 -56.22
N TRP A 121 35.72 2.92 -56.41
CA TRP A 121 36.69 1.85 -56.59
C TRP A 121 36.75 1.44 -58.05
N THR A 122 37.87 1.76 -58.70
CA THR A 122 37.98 1.60 -60.16
C THR A 122 38.76 0.35 -60.53
N GLY A 123 38.31 -0.32 -61.60
CA GLY A 123 38.97 -1.51 -62.10
C GLY A 123 38.79 -2.71 -61.19
N VAL A 124 37.82 -2.63 -60.30
CA VAL A 124 37.59 -3.66 -59.29
C VAL A 124 36.09 -3.85 -59.02
N THR A 125 35.65 -5.12 -58.97
CA THR A 125 34.25 -5.43 -58.72
C THR A 125 33.91 -5.18 -57.25
N GLN A 126 32.68 -4.75 -56.99
CA GLN A 126 32.26 -4.47 -55.61
C GLN A 126 31.19 -5.46 -55.16
N ASN A 127 30.78 -5.31 -53.91
CA ASN A 127 29.60 -6.00 -53.39
C ASN A 127 29.72 -7.51 -53.25
N GLY A 128 30.86 -8.08 -53.62
CA GLY A 128 31.00 -9.52 -53.63
C GLY A 128 30.52 -10.14 -52.32
N GLY A 129 29.64 -11.12 -52.44
CA GLY A 129 29.11 -11.84 -51.29
C GLY A 129 29.63 -13.26 -51.17
N SER A 130 29.19 -13.95 -50.14
CA SER A 130 29.57 -15.35 -49.91
C SER A 130 28.37 -16.15 -49.42
N ASN A 131 28.52 -17.48 -49.37
CA ASN A 131 27.47 -18.34 -48.85
C ASN A 131 27.38 -18.28 -47.32
N ALA A 132 28.48 -17.98 -46.66
CA ALA A 132 28.52 -17.99 -45.20
C ALA A 132 27.79 -16.79 -44.60
N CYS A 133 27.62 -15.73 -45.38
CA CYS A 133 26.82 -14.60 -44.96
C CYS A 133 25.66 -14.40 -45.95
N LYS A 134 24.43 -14.67 -45.51
CA LYS A 134 23.30 -14.69 -46.43
C LYS A 134 22.21 -13.71 -46.06
N ARG A 135 21.73 -12.98 -47.07
CA ARG A 135 20.66 -12.03 -46.88
C ARG A 135 19.53 -12.37 -47.85
N GLY A 136 18.39 -12.78 -47.30
CA GLY A 136 17.34 -13.36 -48.12
C GLY A 136 17.78 -14.74 -48.57
N PRO A 137 17.18 -15.26 -49.65
CA PRO A 137 17.57 -16.59 -50.13
C PRO A 137 18.99 -16.65 -50.67
N GLY A 138 19.43 -15.56 -51.31
CA GLY A 138 20.73 -15.52 -51.97
C GLY A 138 21.90 -15.22 -51.04
N SER A 139 23.09 -15.16 -51.62
CA SER A 139 24.30 -14.85 -50.87
C SER A 139 24.27 -13.40 -50.41
N GLY A 140 25.10 -13.08 -49.43
CA GLY A 140 25.14 -11.75 -48.83
C GLY A 140 26.48 -11.46 -48.17
N PHE A 141 26.57 -10.33 -47.48
CA PHE A 141 27.81 -9.96 -46.80
C PHE A 141 27.54 -8.93 -45.69
N PHE A 142 28.59 -8.50 -44.99
CA PHE A 142 28.44 -7.46 -43.98
C PHE A 142 27.86 -6.22 -44.63
N SER A 143 26.76 -5.72 -44.07
CA SER A 143 26.03 -4.62 -44.69
C SER A 143 26.87 -3.36 -44.77
N ARG A 144 27.75 -3.14 -43.79
CA ARG A 144 28.58 -1.94 -43.74
C ARG A 144 29.97 -2.17 -44.36
N LEU A 145 30.20 -3.37 -44.88
CA LEU A 145 31.46 -3.67 -45.54
C LEU A 145 31.29 -4.04 -47.02
N ASN A 146 32.27 -3.60 -47.81
CA ASN A 146 32.25 -3.75 -49.25
C ASN A 146 33.40 -4.66 -49.70
N TRP A 147 33.06 -5.85 -50.17
CA TRP A 147 34.05 -6.85 -50.54
C TRP A 147 34.46 -6.72 -52.01
N LEU A 148 35.73 -6.36 -52.24
CA LEU A 148 36.21 -6.06 -53.58
C LEU A 148 37.03 -7.20 -54.17
N THR A 149 36.63 -7.64 -55.37
CA THR A 149 37.34 -8.69 -56.10
C THR A 149 37.91 -8.08 -57.38
N LYS A 150 38.62 -8.86 -58.18
CA LYS A 150 39.27 -8.31 -59.37
C LYS A 150 38.27 -7.99 -60.46
N SER A 151 38.75 -7.36 -61.53
CA SER A 151 37.96 -7.16 -62.75
C SER A 151 38.86 -7.44 -63.94
N GLY A 152 38.49 -8.43 -64.74
CA GLY A 152 39.36 -8.86 -65.83
C GLY A 152 40.58 -9.59 -65.30
N SER A 153 41.72 -9.34 -65.93
CA SER A 153 42.97 -9.98 -65.51
C SER A 153 43.68 -9.19 -64.41
N THR A 154 43.17 -8.00 -64.11
CA THR A 154 43.89 -7.08 -63.24
C THR A 154 43.10 -6.60 -62.03
N TYR A 155 43.78 -6.55 -60.90
CA TYR A 155 43.30 -5.87 -59.70
C TYR A 155 44.29 -4.73 -59.49
N PRO A 156 43.88 -3.49 -59.79
CA PRO A 156 44.82 -2.36 -59.76
C PRO A 156 45.28 -2.01 -58.35
N VAL A 157 46.42 -1.33 -58.24
CA VAL A 157 46.80 -0.72 -56.98
C VAL A 157 45.85 0.43 -56.72
N LEU A 158 45.19 0.40 -55.58
CA LEU A 158 44.17 1.38 -55.25
C LEU A 158 44.71 2.42 -54.27
N ASN A 159 44.74 3.66 -54.72
CA ASN A 159 45.11 4.79 -53.87
C ASN A 159 43.93 5.77 -53.87
N VAL A 160 43.23 5.87 -52.74
CA VAL A 160 42.10 6.80 -52.65
C VAL A 160 42.13 7.56 -51.33
N THR A 161 41.46 8.71 -51.33
CA THR A 161 41.51 9.61 -50.19
C THR A 161 40.10 10.12 -49.86
N MET A 162 39.77 10.12 -48.57
CA MET A 162 38.48 10.59 -48.09
C MET A 162 38.66 11.61 -46.97
N PRO A 163 38.63 12.91 -47.32
CA PRO A 163 38.81 13.97 -46.33
C PRO A 163 37.64 14.07 -45.37
N ASN A 164 37.94 14.30 -44.10
CA ASN A 164 36.90 14.59 -43.13
C ASN A 164 36.90 16.09 -42.87
N ASN A 165 35.91 16.77 -43.43
CA ASN A 165 35.80 18.22 -43.33
C ASN A 165 34.80 18.67 -42.27
N ASP A 166 34.14 17.71 -41.62
CA ASP A 166 33.09 18.03 -40.65
C ASP A 166 33.71 18.44 -39.32
N ASN A 167 32.86 18.78 -38.36
CA ASN A 167 33.31 19.22 -37.04
C ASN A 167 33.37 18.09 -36.01
N PHE A 168 33.11 16.85 -36.45
CA PHE A 168 33.10 15.71 -35.55
C PHE A 168 34.04 14.59 -36.02
N ASP A 169 34.37 13.68 -35.11
CA ASP A 169 35.24 12.55 -35.42
C ASP A 169 34.51 11.52 -36.25
N LYS A 170 35.24 10.85 -37.14
CA LYS A 170 34.68 9.76 -37.93
C LYS A 170 35.30 8.43 -37.51
N LEU A 171 34.50 7.39 -37.43
CA LEU A 171 35.00 6.05 -37.17
C LEU A 171 34.82 5.17 -38.39
N TYR A 172 35.93 4.79 -39.02
CA TYR A 172 35.88 3.90 -40.18
C TYR A 172 36.20 2.48 -39.78
N ILE A 173 35.32 1.55 -40.14
CA ILE A 173 35.53 0.13 -39.90
C ILE A 173 35.91 -0.52 -41.21
N TRP A 174 37.00 -1.27 -41.20
CA TRP A 174 37.44 -1.97 -42.41
C TRP A 174 38.03 -3.34 -42.07
N GLY A 175 38.45 -4.08 -43.09
CA GLY A 175 38.93 -5.43 -42.89
C GLY A 175 39.97 -5.90 -43.89
N VAL A 176 40.57 -7.04 -43.57
CA VAL A 176 41.55 -7.69 -44.44
C VAL A 176 41.13 -9.15 -44.63
N HIS A 177 41.24 -9.64 -45.86
CA HIS A 177 40.78 -10.97 -46.22
C HIS A 177 41.94 -11.97 -46.20
N HIS A 178 41.77 -13.06 -45.45
CA HIS A 178 42.76 -14.13 -45.41
C HIS A 178 42.26 -15.35 -46.15
N PRO A 179 42.78 -15.60 -47.36
CA PRO A 179 42.41 -16.80 -48.11
C PRO A 179 43.03 -18.06 -47.50
N SER A 180 42.38 -19.20 -47.67
CA SER A 180 42.89 -20.46 -47.16
C SER A 180 43.85 -21.13 -48.14
N THR A 181 44.06 -20.50 -49.29
CA THR A 181 44.92 -21.06 -50.33
C THR A 181 45.56 -19.96 -51.19
N ASN A 182 46.68 -20.27 -51.84
CA ASN A 182 47.28 -19.36 -52.81
C ASN A 182 46.45 -19.28 -54.08
N GLN A 183 45.64 -20.32 -54.32
CA GLN A 183 44.82 -20.42 -55.52
C GLN A 183 43.57 -19.55 -55.38
N GLU A 184 43.12 -19.37 -54.14
CA GLU A 184 42.02 -18.47 -53.82
C GLU A 184 42.53 -17.04 -53.84
N GLN A 185 43.68 -16.81 -53.21
CA GLN A 185 44.33 -15.51 -53.18
C GLN A 185 44.55 -14.98 -54.59
N THR A 186 45.18 -15.78 -55.42
CA THR A 186 45.48 -15.37 -56.79
C THR A 186 44.22 -15.37 -57.66
N SER A 187 43.32 -16.32 -57.42
CA SER A 187 42.07 -16.39 -58.17
C SER A 187 41.23 -15.13 -57.98
N LEU A 188 41.29 -14.55 -56.77
CA LEU A 188 40.54 -13.35 -56.45
C LEU A 188 41.29 -12.08 -56.85
N TYR A 189 42.43 -11.89 -56.20
CA TYR A 189 43.16 -10.61 -56.24
C TYR A 189 44.31 -10.50 -57.25
N VAL A 190 44.45 -11.46 -58.16
CA VAL A 190 45.69 -11.56 -58.94
C VAL A 190 46.88 -11.79 -58.00
N GLN A 191 47.74 -10.78 -57.81
CA GLN A 191 49.03 -10.96 -57.15
C GLN A 191 48.91 -11.83 -55.90
N ALA A 192 49.87 -12.74 -55.74
CA ALA A 192 49.79 -13.81 -54.74
C ALA A 192 50.09 -13.33 -53.32
N SER A 193 50.59 -12.11 -53.18
CA SER A 193 50.78 -11.51 -51.87
C SER A 193 50.11 -10.14 -51.79
N GLY A 194 49.07 -10.04 -50.97
CA GLY A 194 48.29 -8.82 -50.88
C GLY A 194 48.80 -7.86 -49.83
N ARG A 195 48.30 -6.62 -49.86
CA ARG A 195 48.72 -5.61 -48.91
C ARG A 195 47.61 -4.60 -48.66
N VAL A 196 47.49 -4.11 -47.44
CA VAL A 196 46.54 -3.02 -47.14
C VAL A 196 47.18 -1.99 -46.21
N THR A 197 47.10 -0.72 -46.61
CA THR A 197 47.69 0.37 -45.85
C THR A 197 46.68 1.50 -45.66
N VAL A 198 46.35 1.76 -44.40
CA VAL A 198 45.40 2.81 -44.06
C VAL A 198 46.08 3.86 -43.19
N SER A 199 46.22 5.07 -43.72
CA SER A 199 46.98 6.11 -43.04
C SER A 199 46.25 7.43 -42.94
N THR A 200 46.43 8.09 -41.81
CA THR A 200 46.05 9.49 -41.64
C THR A 200 47.31 10.28 -41.34
N ARG A 201 47.17 11.58 -41.13
CA ARG A 201 48.30 12.43 -40.82
C ARG A 201 48.95 11.98 -39.52
N ARG A 202 48.14 11.50 -38.58
CA ARG A 202 48.59 11.21 -37.23
C ARG A 202 48.95 9.74 -36.97
N SER A 203 48.85 8.89 -37.99
CA SER A 203 49.10 7.46 -37.79
C SER A 203 49.01 6.66 -39.08
N GLN A 204 49.39 5.39 -39.01
CA GLN A 204 49.24 4.47 -40.14
C GLN A 204 49.15 3.03 -39.67
N GLN A 205 48.48 2.20 -40.45
CA GLN A 205 48.43 0.77 -40.21
C GLN A 205 48.70 0.05 -41.52
N THR A 206 49.56 -0.97 -41.48
CA THR A 206 49.83 -1.77 -42.67
C THR A 206 49.73 -3.26 -42.35
N ILE A 207 48.77 -3.90 -42.99
CA ILE A 207 48.47 -5.30 -42.74
C ILE A 207 48.70 -6.10 -44.01
N ILE A 208 49.46 -7.20 -43.88
CA ILE A 208 49.73 -8.09 -45.00
C ILE A 208 49.11 -9.45 -44.71
N PRO A 209 48.07 -9.83 -45.47
CA PRO A 209 47.17 -10.95 -45.20
C PRO A 209 47.86 -12.30 -45.00
N ASN A 210 47.30 -13.11 -44.11
CA ASN A 210 47.78 -14.47 -43.87
C ASN A 210 47.04 -15.47 -44.73
N ILE A 211 47.72 -16.03 -45.71
CA ILE A 211 47.19 -17.14 -46.49
C ILE A 211 47.37 -18.41 -45.66
N GLY A 212 46.58 -19.43 -45.96
CA GLY A 212 46.64 -20.67 -45.20
C GLY A 212 45.41 -20.88 -44.36
N SER A 213 45.28 -22.08 -43.81
CA SER A 213 44.05 -22.48 -43.13
C SER A 213 44.13 -22.32 -41.61
N ARG A 214 43.06 -21.77 -41.04
CA ARG A 214 42.80 -21.92 -39.62
C ARG A 214 41.48 -22.68 -39.50
N PRO A 215 41.30 -23.43 -38.40
CA PRO A 215 40.25 -24.46 -38.29
C PRO A 215 38.86 -24.00 -38.73
N TRP A 216 38.13 -24.86 -39.42
CA TRP A 216 36.85 -24.47 -40.04
C TRP A 216 35.85 -23.84 -39.09
N VAL A 217 35.16 -22.82 -39.59
CA VAL A 217 33.96 -22.30 -38.94
C VAL A 217 32.98 -21.82 -40.00
N ARG A 218 31.70 -22.11 -39.83
CA ARG A 218 30.68 -21.70 -40.80
C ARG A 218 31.03 -22.19 -42.21
N GLY A 219 31.76 -23.29 -42.30
CA GLY A 219 32.04 -23.93 -43.58
C GLY A 219 33.25 -23.40 -44.32
N LEU A 220 33.95 -22.43 -43.73
CA LEU A 220 35.11 -21.81 -44.38
C LEU A 220 36.34 -21.79 -43.47
N SER A 221 37.50 -22.01 -44.08
CA SER A 221 38.78 -21.91 -43.38
C SER A 221 39.42 -20.54 -43.59
N SER A 222 38.75 -19.70 -44.37
CA SER A 222 39.25 -18.35 -44.66
C SER A 222 38.52 -17.33 -43.79
N ARG A 223 39.22 -16.27 -43.38
CA ARG A 223 38.67 -15.33 -42.42
C ARG A 223 38.83 -13.87 -42.80
N ILE A 224 38.47 -13.00 -41.86
CA ILE A 224 38.62 -11.57 -42.00
C ILE A 224 39.20 -11.01 -40.70
N SER A 225 40.20 -10.15 -40.80
CA SER A 225 40.64 -9.38 -39.64
C SER A 225 40.04 -7.99 -39.72
N ILE A 226 39.38 -7.57 -38.64
CA ILE A 226 38.73 -6.27 -38.63
C ILE A 226 39.60 -5.24 -37.91
N TYR A 227 39.65 -4.05 -38.49
CA TYR A 227 40.41 -2.94 -37.90
C TYR A 227 39.57 -1.67 -37.99
N TRP A 228 39.84 -0.74 -37.06
CA TRP A 228 39.13 0.53 -37.06
C TRP A 228 40.12 1.68 -37.13
N THR A 229 39.67 2.80 -37.66
CA THR A 229 40.49 4.01 -37.70
C THR A 229 39.65 5.24 -37.39
N ILE A 230 40.13 6.08 -36.49
CA ILE A 230 39.45 7.33 -36.16
C ILE A 230 40.08 8.51 -36.90
N VAL A 231 39.25 9.29 -37.57
CA VAL A 231 39.70 10.46 -38.31
C VAL A 231 39.16 11.73 -37.66
N LYS A 232 40.06 12.58 -37.19
CA LYS A 232 39.66 13.83 -36.54
C LYS A 232 39.37 14.91 -37.58
N PRO A 233 38.62 15.95 -37.18
CA PRO A 233 38.29 17.04 -38.10
C PRO A 233 39.54 17.73 -38.62
N GLY A 234 39.61 17.95 -39.93
CA GLY A 234 40.77 18.58 -40.54
C GLY A 234 41.85 17.58 -40.89
N ASP A 235 41.55 16.30 -40.70
CA ASP A 235 42.45 15.22 -41.06
C ASP A 235 41.77 14.43 -42.17
N VAL A 236 42.57 13.74 -42.98
CA VAL A 236 42.04 12.94 -44.08
C VAL A 236 42.26 11.46 -43.84
N LEU A 237 41.35 10.64 -44.34
CA LEU A 237 41.59 9.20 -44.39
C LEU A 237 42.26 8.87 -45.72
N VAL A 238 43.27 8.00 -45.70
CA VAL A 238 43.88 7.55 -46.95
C VAL A 238 43.97 6.03 -46.97
N ILE A 239 43.56 5.45 -48.09
CA ILE A 239 43.50 4.00 -48.24
C ILE A 239 44.27 3.56 -49.47
N ASN A 240 45.18 2.60 -49.29
CA ASN A 240 46.02 2.11 -50.37
C ASN A 240 46.16 0.59 -50.32
N SER A 241 45.77 -0.13 -51.38
CA SER A 241 45.85 -1.59 -51.35
C SER A 241 46.06 -2.22 -52.73
N ASN A 242 46.90 -3.26 -52.79
CA ASN A 242 47.09 -4.05 -54.00
C ASN A 242 46.20 -5.30 -54.02
N GLY A 243 45.52 -5.55 -52.90
CA GLY A 243 44.60 -6.67 -52.81
C GLY A 243 44.25 -7.00 -51.36
N ASN A 244 43.26 -7.87 -51.18
CA ASN A 244 42.85 -8.32 -49.85
C ASN A 244 42.22 -7.21 -48.99
N LEU A 245 41.44 -6.34 -49.61
CA LEU A 245 40.77 -5.27 -48.87
C LEU A 245 39.26 -5.44 -48.82
N ILE A 246 38.72 -5.45 -47.61
CA ILE A 246 37.29 -5.27 -47.39
C ILE A 246 37.10 -3.81 -47.01
N ALA A 247 36.54 -3.03 -47.92
CA ALA A 247 36.52 -1.58 -47.77
C ALA A 247 35.31 -1.10 -46.99
N PRO A 248 35.43 0.08 -46.37
CA PRO A 248 34.31 0.78 -45.76
C PRO A 248 33.35 1.35 -46.81
N ARG A 249 32.07 1.41 -46.49
CA ARG A 249 31.09 2.08 -47.35
C ARG A 249 30.85 3.49 -46.85
N GLY A 250 31.52 3.85 -45.76
CA GLY A 250 31.29 5.12 -45.09
C GLY A 250 31.73 4.99 -43.65
N TYR A 251 31.20 5.83 -42.77
CA TYR A 251 31.65 5.84 -41.39
C TYR A 251 30.52 5.77 -40.39
N PHE A 252 30.88 5.72 -39.10
CA PHE A 252 29.91 5.80 -38.02
C PHE A 252 30.18 7.11 -37.28
N LYS A 253 29.12 7.85 -36.97
CA LYS A 253 29.29 9.10 -36.24
C LYS A 253 29.68 8.79 -34.79
N MET A 254 30.70 9.47 -34.29
CA MET A 254 31.17 9.26 -32.93
C MET A 254 30.56 10.27 -31.97
N ARG A 255 30.00 9.78 -30.87
CA ARG A 255 29.45 10.64 -29.85
C ARG A 255 30.20 10.44 -28.52
N THR A 256 30.21 11.49 -27.71
CA THR A 256 30.74 11.43 -26.36
C THR A 256 29.58 11.44 -25.39
N GLY A 257 29.55 10.51 -24.43
CA GLY A 257 28.48 10.50 -23.47
C GLY A 257 28.32 9.24 -22.65
N LYS A 258 27.18 9.15 -21.99
CA LYS A 258 26.99 8.25 -20.85
C LYS A 258 26.66 6.81 -21.28
N SER A 259 26.67 6.54 -22.57
CA SER A 259 26.28 5.24 -23.09
C SER A 259 27.27 4.14 -22.71
N SER A 260 26.76 2.91 -22.53
CA SER A 260 27.60 1.75 -22.24
C SER A 260 26.94 0.43 -22.70
N ILE A 261 27.58 -0.68 -22.37
CA ILE A 261 27.10 -2.02 -22.72
C ILE A 261 27.12 -2.91 -21.47
N MET A 262 26.21 -3.88 -21.40
CA MET A 262 26.13 -4.79 -20.25
C MET A 262 25.72 -6.18 -20.68
N ARG A 263 26.35 -7.21 -20.10
CA ARG A 263 25.99 -8.59 -20.40
C ARG A 263 24.98 -9.11 -19.39
N SER A 264 23.75 -9.37 -19.86
CA SER A 264 22.69 -9.88 -18.99
C SER A 264 21.66 -10.69 -19.76
N ASP A 265 21.10 -11.71 -19.12
CA ASP A 265 19.98 -12.46 -19.70
C ASP A 265 18.62 -12.06 -19.11
N ALA A 266 18.61 -11.04 -18.25
CA ALA A 266 17.39 -10.61 -17.61
C ALA A 266 16.37 -10.12 -18.63
N PRO A 267 15.12 -10.54 -18.48
CA PRO A 267 14.10 -10.02 -19.41
C PRO A 267 13.93 -8.52 -19.23
N ILE A 268 13.48 -7.82 -20.26
CA ILE A 268 13.21 -6.39 -20.16
C ILE A 268 11.74 -6.17 -19.90
N ASP A 269 11.41 -5.14 -19.11
CA ASP A 269 10.02 -4.89 -18.75
C ASP A 269 9.63 -3.43 -18.99
N THR A 270 8.33 -3.17 -18.89
CA THR A 270 7.79 -1.85 -19.12
C THR A 270 7.59 -1.21 -17.76
N CYS A 271 8.47 -0.28 -17.41
CA CYS A 271 8.57 0.18 -16.03
C CYS A 271 9.74 1.15 -15.86
N ILE A 272 9.80 1.81 -14.71
CA ILE A 272 10.84 2.80 -14.44
C ILE A 272 11.78 2.43 -13.29
N SER A 273 13.04 2.20 -13.60
CA SER A 273 14.07 2.10 -12.55
C SER A 273 15.35 2.75 -13.03
N GLU A 274 15.91 3.63 -12.22
CA GLU A 274 17.13 4.35 -12.61
C GLU A 274 18.35 3.44 -12.53
N CYS A 275 18.35 2.49 -11.61
CA CYS A 275 19.50 1.60 -11.47
C CYS A 275 19.29 0.21 -12.07
N ILE A 276 20.24 -0.17 -12.93
CA ILE A 276 20.21 -1.44 -13.64
C ILE A 276 21.43 -2.31 -13.30
N THR A 277 21.20 -3.56 -12.93
CA THR A 277 22.30 -4.52 -12.82
C THR A 277 22.02 -5.67 -13.77
N PRO A 278 22.96 -6.60 -13.91
CA PRO A 278 22.68 -7.74 -14.78
C PRO A 278 21.61 -8.67 -14.19
N ASN A 279 21.42 -8.60 -12.88
CA ASN A 279 20.36 -9.37 -12.22
C ASN A 279 19.00 -8.73 -12.48
N GLY A 280 19.02 -7.57 -13.13
CA GLY A 280 17.81 -6.77 -13.32
C GLY A 280 17.84 -5.51 -12.48
N SER A 281 16.77 -4.73 -12.55
CA SER A 281 16.76 -3.40 -11.95
C SER A 281 16.68 -3.46 -10.43
N ILE A 282 17.32 -2.48 -9.78
CA ILE A 282 17.24 -2.36 -8.33
C ILE A 282 16.90 -0.93 -7.94
N PRO A 283 16.11 -0.76 -6.87
CA PRO A 283 15.81 0.59 -6.38
C PRO A 283 17.01 1.26 -5.68
N ASN A 284 17.22 2.54 -5.97
CA ASN A 284 18.37 3.27 -5.44
C ASN A 284 18.12 4.10 -4.18
N ASP A 285 16.94 3.96 -3.58
CA ASP A 285 16.65 4.60 -2.30
C ASP A 285 17.74 4.37 -1.23
N LYS A 286 18.26 3.15 -1.13
CA LYS A 286 19.28 2.83 -0.14
C LYS A 286 20.69 3.22 -0.61
N PRO A 287 21.58 3.51 0.35
CA PRO A 287 22.95 3.93 0.06
C PRO A 287 23.88 2.83 -0.43
N PHE A 288 23.57 1.58 -0.15
CA PHE A 288 24.44 0.46 -0.49
C PHE A 288 23.65 -0.68 -1.12
N GLN A 289 24.32 -1.50 -1.91
CA GLN A 289 23.65 -2.64 -2.52
C GLN A 289 24.57 -3.84 -2.62
N ASN A 290 24.00 -5.00 -2.32
CA ASN A 290 24.72 -6.27 -2.36
C ASN A 290 24.46 -7.09 -3.62
N VAL A 291 23.67 -6.56 -4.54
CA VAL A 291 23.21 -7.35 -5.69
C VAL A 291 24.30 -7.65 -6.73
N ASN A 292 24.94 -6.63 -7.29
CA ASN A 292 26.00 -6.86 -8.27
C ASN A 292 27.01 -5.72 -8.31
N LYS A 293 28.29 -6.05 -8.48
CA LYS A 293 29.31 -5.01 -8.57
C LYS A 293 29.24 -4.33 -9.95
N ILE A 294 28.64 -5.01 -10.90
CA ILE A 294 28.35 -4.41 -12.20
C ILE A 294 27.03 -3.66 -12.16
N THR A 295 27.06 -2.38 -12.50
CA THR A 295 25.85 -1.57 -12.51
C THR A 295 25.85 -0.54 -13.64
N TYR A 296 24.68 0.02 -13.93
CA TYR A 296 24.55 1.15 -14.86
C TYR A 296 23.45 2.09 -14.34
N GLY A 297 23.74 3.39 -14.34
CA GLY A 297 22.82 4.40 -13.83
C GLY A 297 23.21 4.79 -12.42
N ALA A 298 22.49 5.74 -11.84
CA ALA A 298 22.74 6.11 -10.46
C ALA A 298 22.44 4.91 -9.60
N CYS A 299 23.46 4.41 -8.90
CA CYS A 299 23.34 3.13 -8.19
C CYS A 299 24.04 3.19 -6.86
N PRO A 300 23.44 2.57 -5.83
CA PRO A 300 24.10 2.50 -4.52
C PRO A 300 25.50 1.89 -4.61
N LYS A 301 26.37 2.31 -3.71
CA LYS A 301 27.74 1.81 -3.69
C LYS A 301 27.65 0.31 -3.35
N TYR A 302 28.39 -0.52 -4.06
CA TYR A 302 28.35 -1.95 -3.81
C TYR A 302 29.24 -2.35 -2.64
N VAL A 303 28.67 -3.12 -1.70
CA VAL A 303 29.41 -3.57 -0.52
C VAL A 303 29.30 -5.09 -0.34
N LYS A 304 30.16 -5.65 0.49
CA LYS A 304 30.20 -7.10 0.71
C LYS A 304 29.09 -7.57 1.66
N GLN A 305 28.67 -6.69 2.55
CA GLN A 305 27.61 -7.01 3.51
C GLN A 305 26.26 -7.14 2.82
N ASN A 306 25.46 -8.13 3.21
CA ASN A 306 24.09 -8.24 2.70
C ASN A 306 23.04 -7.55 3.58
N THR A 307 23.40 -7.21 4.81
CA THR A 307 22.52 -6.43 5.67
C THR A 307 23.28 -5.46 6.58
N LEU A 308 22.87 -4.20 6.58
CA LEU A 308 23.30 -3.22 7.59
C LEU A 308 22.11 -2.42 8.11
N LYS A 309 21.75 -2.62 9.38
CA LYS A 309 20.59 -1.94 9.95
C LYS A 309 21.01 -0.66 10.66
N LEU A 310 20.34 0.44 10.30
CA LEU A 310 20.54 1.75 10.92
C LEU A 310 19.43 2.03 11.94
N ALA A 311 19.79 2.19 13.20
CA ALA A 311 18.79 2.36 14.25
C ALA A 311 18.10 3.72 14.13
N THR A 312 16.79 3.69 13.96
CA THR A 312 15.92 4.86 13.92
C THR A 312 15.13 5.14 15.19
N GLY A 313 15.42 4.40 16.25
CA GLY A 313 14.71 4.61 17.50
C GLY A 313 15.61 4.34 18.68
N MET A 314 15.09 4.56 19.88
CA MET A 314 15.90 4.41 21.08
C MET A 314 16.11 2.95 21.41
N ARG A 315 16.87 2.71 22.48
CA ARG A 315 17.11 1.37 22.95
C ARG A 315 15.79 0.80 23.45
N ASN A 316 15.50 -0.45 23.12
CA ASN A 316 14.23 -1.05 23.49
C ASN A 316 14.31 -1.85 24.79
N VAL A 317 13.59 -1.40 25.80
CA VAL A 317 13.60 -2.04 27.12
C VAL A 317 12.20 -2.52 27.48
N PRO A 318 11.84 -3.74 27.08
CA PRO A 318 10.48 -4.26 27.27
C PRO A 318 10.03 -4.19 28.72
N GLU A 319 8.71 -4.12 28.93
CA GLU A 319 8.15 -3.99 30.28
C GLU A 319 8.36 -5.26 31.10
N LYS A 320 8.80 -5.08 32.34
CA LYS A 320 9.20 -6.18 33.20
C LYS A 320 8.14 -7.29 33.22
N GLN A 321 6.91 -6.92 33.58
CA GLN A 321 5.78 -7.85 33.67
C GLN A 321 4.94 -7.52 34.91
N GLY B 1 23.19 3.52 28.18
CA GLY B 1 23.59 4.76 27.44
C GLY B 1 24.71 5.52 28.12
N LEU B 2 25.03 6.70 27.59
CA LEU B 2 26.08 7.53 28.18
C LEU B 2 25.55 8.26 29.42
N PHE B 3 24.26 8.61 29.39
CA PHE B 3 23.63 9.33 30.49
C PHE B 3 22.93 8.41 31.49
N GLY B 4 22.89 7.12 31.20
CA GLY B 4 22.37 6.12 32.12
C GLY B 4 20.94 6.38 32.58
N ALA B 5 20.10 6.89 31.68
CA ALA B 5 18.69 7.10 31.98
C ALA B 5 17.86 5.95 31.41
N ILE B 6 17.87 5.82 30.09
CA ILE B 6 17.22 4.70 29.40
C ILE B 6 18.03 3.43 29.56
N ALA B 7 17.37 2.36 30.03
CA ALA B 7 18.08 1.16 30.49
C ALA B 7 19.02 1.57 31.61
N GLY B 8 18.73 2.75 32.16
CA GLY B 8 19.46 3.35 33.25
C GLY B 8 18.64 3.28 34.52
N PHE B 9 18.71 4.36 35.30
CA PHE B 9 17.87 4.52 36.47
C PHE B 9 16.38 4.46 36.14
N ILE B 10 16.03 4.60 34.86
CA ILE B 10 14.65 4.34 34.44
C ILE B 10 14.48 2.84 34.19
N GLU B 11 13.64 2.22 35.01
CA GLU B 11 13.60 0.76 35.11
C GLU B 11 13.35 0.11 33.75
N ASN B 12 12.26 0.50 33.09
CA ASN B 12 11.94 -0.01 31.75
C ASN B 12 11.10 0.97 30.95
N GLY B 13 10.73 0.56 29.75
CA GLY B 13 9.93 1.40 28.86
C GLY B 13 8.46 1.10 29.04
N TRP B 14 7.61 1.96 28.50
CA TRP B 14 6.17 1.74 28.57
C TRP B 14 5.70 1.40 27.17
N GLU B 15 5.33 0.15 26.96
CA GLU B 15 4.87 -0.28 25.65
C GLU B 15 3.49 0.30 25.37
N GLY B 16 2.80 0.69 26.44
CA GLY B 16 1.47 1.25 26.32
C GLY B 16 1.48 2.75 26.06
N MET B 17 2.65 3.33 25.78
CA MET B 17 2.67 4.70 25.34
C MET B 17 2.87 4.66 23.83
N ILE B 18 1.75 4.70 23.12
CA ILE B 18 1.76 4.58 21.68
C ILE B 18 1.70 5.95 21.02
N ASP B 19 1.47 6.97 21.84
CA ASP B 19 1.33 8.35 21.36
C ASP B 19 2.61 9.20 21.53
N GLY B 20 3.71 8.58 21.96
CA GLY B 20 4.95 9.33 22.06
C GLY B 20 6.17 8.52 22.43
N TRP B 21 7.34 9.15 22.30
CA TRP B 21 8.61 8.55 22.70
C TRP B 21 8.90 8.69 24.20
N TYR B 22 8.51 9.83 24.75
CA TYR B 22 8.74 10.11 26.17
C TYR B 22 7.43 10.61 26.78
N GLY B 23 7.27 10.46 28.09
CA GLY B 23 6.06 10.94 28.73
C GLY B 23 6.09 10.90 30.25
N PHE B 24 4.94 11.20 30.84
CA PHE B 24 4.74 11.17 32.27
C PHE B 24 3.65 10.18 32.65
N ARG B 25 3.90 9.40 33.69
CA ARG B 25 2.82 8.70 34.39
C ARG B 25 2.65 9.41 35.71
N HIS B 26 1.42 9.55 36.20
CA HIS B 26 1.20 10.23 37.46
C HIS B 26 0.25 9.46 38.35
N GLN B 27 0.36 9.72 39.65
CA GLN B 27 -0.57 9.24 40.65
C GLN B 27 -0.93 10.38 41.59
N ASN B 28 -2.22 10.63 41.77
CA ASN B 28 -2.66 11.64 42.71
C ASN B 28 -4.02 11.27 43.31
N SER B 29 -4.62 12.20 44.03
CA SER B 29 -5.88 11.94 44.73
C SER B 29 -6.96 11.42 43.79
N GLU B 30 -6.92 11.87 42.54
CA GLU B 30 -7.97 11.54 41.56
C GLU B 30 -7.82 10.17 40.89
N GLY B 31 -6.58 9.70 40.77
CA GLY B 31 -6.31 8.45 40.08
C GLY B 31 -4.93 8.49 39.44
N THR B 32 -4.70 7.62 38.47
CA THR B 32 -3.39 7.56 37.81
C THR B 32 -3.54 7.71 36.31
N GLY B 33 -2.53 8.28 35.67
CA GLY B 33 -2.63 8.52 34.23
C GLY B 33 -1.30 8.45 33.49
N GLN B 34 -1.38 8.35 32.17
CA GLN B 34 -0.19 8.31 31.34
C GLN B 34 -0.34 9.21 30.11
N ALA B 35 0.56 10.18 29.97
CA ALA B 35 0.52 11.13 28.86
C ALA B 35 1.88 11.32 28.20
N ALA B 36 1.90 11.41 26.87
CA ALA B 36 3.15 11.64 26.14
C ALA B 36 3.62 13.09 26.29
N ASP B 37 4.89 13.35 26.01
CA ASP B 37 5.42 14.71 25.95
C ASP B 37 5.87 15.02 24.54
N LEU B 38 5.13 15.87 23.85
CA LEU B 38 5.38 16.10 22.43
C LEU B 38 6.74 16.76 22.17
N LYS B 39 7.08 17.79 22.94
CA LYS B 39 8.28 18.58 22.63
C LYS B 39 9.54 17.71 22.51
N SER B 40 9.80 16.87 23.50
CA SER B 40 11.00 16.05 23.49
C SER B 40 10.91 14.90 22.48
N THR B 41 9.74 14.25 22.40
CA THR B 41 9.54 13.21 21.41
C THR B 41 9.91 13.74 20.02
N GLN B 42 9.45 14.95 19.73
CA GLN B 42 9.75 15.56 18.45
C GLN B 42 11.22 15.98 18.35
N ALA B 43 11.82 16.40 19.45
CA ALA B 43 13.25 16.71 19.43
C ALA B 43 14.01 15.49 18.90
N ALA B 44 13.78 14.36 19.55
CA ALA B 44 14.47 13.12 19.19
C ALA B 44 14.14 12.72 17.76
N ILE B 45 12.85 12.71 17.43
CA ILE B 45 12.44 12.31 16.09
C ILE B 45 13.11 13.19 15.02
N ASP B 46 13.05 14.50 15.20
CA ASP B 46 13.67 15.43 14.26
C ASP B 46 15.15 15.13 14.08
N GLN B 47 15.85 14.90 15.19
CA GLN B 47 17.27 14.57 15.06
C GLN B 47 17.49 13.29 14.25
N ILE B 48 16.76 12.23 14.61
CA ILE B 48 16.94 10.95 13.94
C ILE B 48 16.57 11.03 12.46
N ASN B 49 15.55 11.81 12.13
CA ASN B 49 15.19 12.02 10.74
C ASN B 49 16.28 12.77 9.99
N GLY B 50 16.79 13.84 10.58
CA GLY B 50 17.85 14.60 9.98
C GLY B 50 19.01 13.67 9.66
N LYS B 51 19.35 12.84 10.64
CA LYS B 51 20.42 11.86 10.51
C LYS B 51 20.17 10.93 9.33
N LEU B 52 18.97 10.37 9.31
CA LEU B 52 18.55 9.44 8.27
C LEU B 52 18.72 10.07 6.88
N ASN B 53 18.18 11.26 6.69
CA ASN B 53 18.27 11.96 5.42
C ASN B 53 19.72 12.23 5.06
N ARG B 54 20.51 12.63 6.05
CA ARG B 54 21.92 12.87 5.79
C ARG B 54 22.55 11.60 5.23
N VAL B 55 22.12 10.45 5.72
CA VAL B 55 22.71 9.18 5.29
C VAL B 55 22.22 8.69 3.92
N ILE B 56 20.94 8.90 3.59
CA ILE B 56 20.41 8.37 2.33
C ILE B 56 20.42 9.38 1.19
N GLU B 57 20.99 10.57 1.42
CA GLU B 57 20.96 11.63 0.40
C GLU B 57 22.10 11.49 -0.59
N LYS B 58 21.79 11.63 -1.87
CA LYS B 58 22.81 11.85 -2.90
C LYS B 58 24.02 10.92 -2.72
N THR B 59 23.74 9.67 -2.36
CA THR B 59 24.78 8.70 -2.10
C THR B 59 25.09 7.85 -3.34
N ASN B 60 24.34 8.10 -4.42
CA ASN B 60 24.49 7.29 -5.62
C ASN B 60 25.74 7.65 -6.42
N GLU B 61 26.44 6.61 -6.84
CA GLU B 61 27.68 6.73 -7.61
C GLU B 61 27.37 6.67 -9.09
N LYS B 62 27.74 7.72 -9.82
CA LYS B 62 27.49 7.77 -11.25
C LYS B 62 28.74 8.18 -12.04
N PHE B 63 29.38 7.20 -12.68
CA PHE B 63 30.40 7.45 -13.70
C PHE B 63 30.65 6.18 -14.53
N HIS B 64 31.29 6.32 -15.70
CA HIS B 64 31.52 5.16 -16.57
C HIS B 64 32.38 4.11 -15.88
N GLN B 65 32.02 2.84 -16.09
CA GLN B 65 32.61 1.73 -15.35
C GLN B 65 33.45 0.81 -16.23
N ILE B 66 34.54 0.30 -15.67
CA ILE B 66 35.38 -0.68 -16.34
C ILE B 66 34.68 -2.03 -16.38
N GLU B 67 35.34 -3.01 -17.01
CA GLU B 67 34.81 -4.37 -17.05
C GLU B 67 35.12 -5.08 -15.75
N LYS B 68 34.08 -5.51 -15.03
CA LYS B 68 34.26 -6.16 -13.74
C LYS B 68 34.15 -7.69 -13.78
N GLU B 69 33.88 -8.27 -14.95
CA GLU B 69 33.88 -9.73 -15.10
C GLU B 69 34.65 -10.15 -16.36
N PHE B 70 35.32 -11.29 -16.28
CA PHE B 70 36.20 -11.74 -17.37
C PHE B 70 36.06 -13.23 -17.67
N SER B 71 35.88 -13.55 -18.94
CA SER B 71 35.71 -14.94 -19.39
C SER B 71 37.02 -15.73 -19.50
N GLU B 72 38.02 -15.13 -20.13
CA GLU B 72 39.29 -15.82 -20.35
C GLU B 72 40.43 -15.19 -19.55
N VAL B 73 41.31 -16.03 -19.02
CA VAL B 73 42.50 -15.56 -18.32
C VAL B 73 43.33 -14.75 -19.28
N GLU B 74 43.98 -13.71 -18.79
CA GLU B 74 44.79 -12.87 -19.65
C GLU B 74 46.17 -12.65 -19.07
N GLY B 75 46.23 -11.88 -18.00
CA GLY B 75 47.51 -11.43 -17.51
C GLY B 75 47.40 -10.12 -16.78
N ARG B 76 48.47 -9.35 -16.85
CA ARG B 76 48.64 -8.14 -16.08
C ARG B 76 47.40 -7.27 -16.00
N ILE B 77 46.96 -6.74 -17.14
CA ILE B 77 45.91 -5.72 -17.13
C ILE B 77 44.67 -6.15 -16.36
N GLN B 78 44.23 -7.37 -16.61
CA GLN B 78 43.05 -7.89 -15.93
C GLN B 78 43.31 -8.09 -14.43
N ASP B 79 44.45 -8.68 -14.07
CA ASP B 79 44.82 -8.80 -12.67
C ASP B 79 44.67 -7.46 -11.98
N LEU B 80 45.08 -6.41 -12.68
CA LEU B 80 44.99 -5.06 -12.15
C LEU B 80 43.55 -4.58 -12.04
N GLU B 81 42.73 -4.84 -13.06
CA GLU B 81 41.32 -4.46 -13.01
C GLU B 81 40.66 -5.09 -11.78
N LYS B 82 40.83 -6.39 -11.63
CA LYS B 82 40.28 -7.09 -10.47
C LYS B 82 40.78 -6.47 -9.18
N TYR B 83 42.09 -6.22 -9.09
CA TYR B 83 42.66 -5.66 -7.87
C TYR B 83 42.00 -4.32 -7.51
N VAL B 84 41.91 -3.43 -8.49
CA VAL B 84 41.27 -2.14 -8.27
C VAL B 84 39.86 -2.34 -7.73
N GLU B 85 39.08 -3.18 -8.38
CA GLU B 85 37.69 -3.36 -7.95
C GLU B 85 37.59 -3.97 -6.54
N ASP B 86 38.44 -4.93 -6.23
CA ASP B 86 38.43 -5.55 -4.90
C ASP B 86 38.78 -4.52 -3.84
N THR B 87 39.82 -3.74 -4.09
CA THR B 87 40.22 -2.68 -3.17
C THR B 87 39.06 -1.71 -2.93
N LYS B 88 38.45 -1.23 -4.02
CA LYS B 88 37.29 -0.35 -3.94
C LYS B 88 36.20 -0.95 -3.05
N ILE B 89 35.84 -2.19 -3.34
CA ILE B 89 34.75 -2.85 -2.64
C ILE B 89 35.06 -2.97 -1.16
N ASP B 90 36.32 -3.26 -0.82
CA ASP B 90 36.68 -3.42 0.58
C ASP B 90 36.60 -2.10 1.31
N LEU B 91 37.14 -1.05 0.70
CA LEU B 91 37.08 0.27 1.30
C LEU B 91 35.62 0.67 1.53
N TRP B 92 34.76 0.43 0.54
CA TRP B 92 33.37 0.85 0.70
C TRP B 92 32.65 0.02 1.76
N SER B 93 32.98 -1.26 1.83
CA SER B 93 32.37 -2.12 2.83
C SER B 93 32.75 -1.59 4.20
N TYR B 94 34.03 -1.25 4.37
CA TYR B 94 34.49 -0.73 5.65
C TYR B 94 33.75 0.56 5.98
N ASN B 95 33.72 1.51 5.04
CA ASN B 95 33.00 2.75 5.26
C ASN B 95 31.58 2.50 5.76
N ALA B 96 30.88 1.57 5.10
CA ALA B 96 29.51 1.25 5.49
C ALA B 96 29.43 0.74 6.93
N GLU B 97 30.26 -0.25 7.24
CA GLU B 97 30.25 -0.88 8.56
C GLU B 97 30.48 0.17 9.65
N LEU B 98 31.50 0.99 9.44
CA LEU B 98 31.86 2.01 10.42
C LEU B 98 30.71 3.00 10.57
N LEU B 99 30.23 3.50 9.43
CA LEU B 99 29.12 4.45 9.44
C LEU B 99 27.98 3.95 10.31
N VAL B 100 27.43 2.80 9.96
CA VAL B 100 26.38 2.21 10.75
C VAL B 100 26.72 2.15 12.25
N ALA B 101 27.93 1.70 12.59
CA ALA B 101 28.28 1.64 14.03
C ALA B 101 28.25 3.03 14.71
N LEU B 102 29.04 3.97 14.21
CA LEU B 102 29.09 5.31 14.82
C LEU B 102 27.67 5.85 14.95
N GLU B 103 26.98 5.87 13.81
CA GLU B 103 25.63 6.38 13.77
C GLU B 103 24.77 5.78 14.88
N ASN B 104 24.81 4.45 15.01
CA ASN B 104 23.92 3.78 15.96
C ASN B 104 24.25 4.07 17.41
N GLN B 105 25.52 3.96 17.77
CA GLN B 105 25.98 4.36 19.09
C GLN B 105 25.45 5.76 19.40
N HIS B 106 25.61 6.68 18.46
CA HIS B 106 25.16 8.05 18.65
C HIS B 106 23.65 8.11 18.87
N THR B 107 22.88 7.44 18.02
CA THR B 107 21.42 7.46 18.12
C THR B 107 20.96 7.05 19.51
N ILE B 108 21.53 5.96 19.99
CA ILE B 108 21.27 5.49 21.35
C ILE B 108 21.63 6.55 22.40
N ASP B 109 22.85 7.07 22.33
CA ASP B 109 23.28 8.08 23.31
C ASP B 109 22.39 9.32 23.31
N LEU B 110 22.01 9.76 22.11
CA LEU B 110 21.19 10.94 21.93
C LEU B 110 19.78 10.78 22.49
N THR B 111 19.15 9.62 22.23
CA THR B 111 17.85 9.34 22.83
C THR B 111 17.95 9.31 24.36
N ASP B 112 18.95 8.59 24.87
CA ASP B 112 19.23 8.60 26.30
C ASP B 112 19.25 10.04 26.82
N SER B 113 20.05 10.85 26.14
CA SER B 113 20.17 12.26 26.47
C SER B 113 18.80 12.91 26.57
N GLU B 114 17.96 12.76 25.55
CA GLU B 114 16.65 13.42 25.57
C GLU B 114 15.86 13.04 26.82
N MET B 115 15.81 11.74 27.11
CA MET B 115 15.13 11.32 28.33
C MET B 115 15.66 12.10 29.53
N ASN B 116 16.97 12.02 29.72
CA ASN B 116 17.60 12.67 30.86
C ASN B 116 17.33 14.18 30.93
N LYS B 117 17.31 14.85 29.78
CA LYS B 117 17.05 16.28 29.75
C LYS B 117 15.64 16.56 30.21
N LEU B 118 14.68 15.80 29.68
CA LEU B 118 13.29 15.98 30.10
C LEU B 118 13.18 15.81 31.60
N PHE B 119 13.91 14.84 32.15
CA PHE B 119 13.91 14.59 33.57
C PHE B 119 14.48 15.76 34.40
N GLU B 120 15.69 16.21 34.06
CA GLU B 120 16.30 17.32 34.76
C GLU B 120 15.42 18.56 34.69
N LYS B 121 14.78 18.75 33.54
CA LYS B 121 13.88 19.88 33.32
C LYS B 121 12.69 19.83 34.29
N THR B 122 12.03 18.69 34.33
CA THR B 122 10.93 18.48 35.26
C THR B 122 11.37 18.79 36.69
N GLY B 123 12.50 18.21 37.12
CA GLY B 123 12.98 18.43 38.48
C GLY B 123 13.19 19.90 38.78
N ARG B 124 13.88 20.59 37.88
CA ARG B 124 14.15 22.01 38.05
C ARG B 124 12.86 22.78 38.19
N GLN B 125 11.83 22.35 37.47
CA GLN B 125 10.53 23.00 37.59
C GLN B 125 9.96 22.80 38.98
N LEU B 126 9.99 21.55 39.44
CA LEU B 126 9.45 21.20 40.75
C LEU B 126 10.16 21.92 41.90
N ARG B 127 11.37 22.39 41.65
CA ARG B 127 12.09 23.15 42.68
C ARG B 127 12.14 22.38 44.00
N GLU B 128 11.67 22.99 45.08
CA GLU B 128 11.85 22.42 46.42
C GLU B 128 10.62 21.67 46.90
N ASN B 129 9.60 21.56 46.06
CA ASN B 129 8.35 20.92 46.45
C ASN B 129 8.34 19.43 46.17
N ALA B 130 9.45 18.88 45.71
CA ALA B 130 9.52 17.46 45.37
C ALA B 130 10.90 16.89 45.61
N GLU B 131 10.98 15.56 45.68
CA GLU B 131 12.26 14.89 45.83
C GLU B 131 12.45 13.84 44.75
N ASP B 132 13.71 13.60 44.39
CA ASP B 132 14.05 12.67 43.33
C ASP B 132 14.19 11.28 43.93
N MET B 133 13.26 10.40 43.57
CA MET B 133 13.16 9.08 44.19
C MET B 133 14.27 8.14 43.71
N GLY B 134 14.81 8.42 42.53
CA GLY B 134 15.97 7.72 42.03
C GLY B 134 15.66 6.74 40.91
N ASN B 135 14.38 6.42 40.75
CA ASN B 135 13.92 5.59 39.64
C ASN B 135 13.34 6.40 38.47
N GLY B 136 13.48 7.72 38.53
CA GLY B 136 12.90 8.56 37.51
C GLY B 136 11.53 9.05 37.90
N CYS B 137 11.19 8.91 39.17
CA CYS B 137 9.93 9.40 39.71
C CYS B 137 10.21 10.47 40.75
N PHE B 138 9.36 11.48 40.79
CA PHE B 138 9.45 12.52 41.80
C PHE B 138 8.35 12.32 42.82
N LYS B 139 8.68 12.49 44.10
CA LYS B 139 7.65 12.57 45.13
C LYS B 139 7.29 14.03 45.31
N ILE B 140 6.03 14.35 45.05
CA ILE B 140 5.52 15.70 45.22
C ILE B 140 4.86 15.81 46.59
N TYR B 141 5.35 16.73 47.40
CA TYR B 141 5.04 16.79 48.82
C TYR B 141 3.81 17.64 49.16
N HIS B 142 3.08 18.09 48.14
CA HIS B 142 1.80 18.76 48.33
C HIS B 142 0.70 18.04 47.54
N LYS B 143 -0.56 18.30 47.87
CA LYS B 143 -1.67 17.73 47.10
C LYS B 143 -1.62 18.30 45.70
N CYS B 144 -1.53 17.44 44.69
CA CYS B 144 -1.52 17.91 43.31
C CYS B 144 -2.61 17.22 42.51
N ASP B 145 -3.63 17.98 42.12
CA ASP B 145 -4.72 17.43 41.33
C ASP B 145 -4.33 17.41 39.85
N ASN B 146 -5.24 16.94 38.99
CA ASN B 146 -4.93 16.74 37.57
C ASN B 146 -4.52 18.03 36.87
N ALA B 147 -5.19 19.13 37.20
CA ALA B 147 -4.87 20.43 36.62
C ALA B 147 -3.41 20.78 36.90
N CYS B 148 -3.01 20.60 38.15
CA CYS B 148 -1.65 20.90 38.58
C CYS B 148 -0.62 20.02 37.85
N ILE B 149 -0.88 18.71 37.80
CA ILE B 149 0.00 17.80 37.06
C ILE B 149 0.18 18.33 35.65
N GLU B 150 -0.93 18.65 35.00
CA GLU B 150 -0.87 19.18 33.64
C GLU B 150 0.01 20.43 33.63
N SER B 151 -0.09 21.25 34.68
CA SER B 151 0.69 22.48 34.75
C SER B 151 2.18 22.18 34.77
N ILE B 152 2.55 21.04 35.33
CA ILE B 152 3.95 20.62 35.29
C ILE B 152 4.32 20.10 33.89
N ARG B 153 3.45 19.29 33.32
CA ARG B 153 3.69 18.75 31.99
C ARG B 153 3.79 19.84 30.91
N ASN B 154 3.03 20.92 31.05
CA ASN B 154 3.03 22.01 30.06
C ASN B 154 3.90 23.21 30.42
N GLY B 155 4.64 23.12 31.51
CA GLY B 155 5.70 24.08 31.80
C GLY B 155 5.32 25.32 32.59
N THR B 156 4.04 25.46 32.92
CA THR B 156 3.55 26.67 33.58
C THR B 156 3.48 26.55 35.10
N TYR B 157 3.89 25.41 35.65
CA TYR B 157 3.82 25.15 37.08
C TYR B 157 4.55 26.19 37.94
N ASP B 158 3.83 26.76 38.91
CA ASP B 158 4.36 27.80 39.77
C ASP B 158 4.64 27.27 41.17
N HIS B 159 5.91 27.10 41.50
CA HIS B 159 6.29 26.36 42.71
C HIS B 159 6.02 27.16 43.98
N ASP B 160 6.11 28.48 43.88
CA ASP B 160 5.94 29.33 45.04
C ASP B 160 4.58 29.12 45.69
N VAL B 161 3.59 28.76 44.89
CA VAL B 161 2.23 28.53 45.38
C VAL B 161 2.17 27.38 46.39
N TYR B 162 2.84 26.28 46.08
CA TYR B 162 2.79 25.09 46.94
C TYR B 162 4.00 24.96 47.87
N ARG B 163 4.93 25.90 47.78
CA ARG B 163 6.18 25.79 48.53
C ARG B 163 5.98 25.54 50.02
N ASP B 164 5.12 26.32 50.67
CA ASP B 164 4.94 26.21 52.11
C ASP B 164 4.40 24.84 52.50
N GLU B 165 3.30 24.45 51.86
CA GLU B 165 2.69 23.15 52.10
C GLU B 165 3.72 22.04 51.94
N ALA B 166 4.45 22.10 50.83
CA ALA B 166 5.40 21.05 50.49
C ALA B 166 6.53 20.98 51.52
N LEU B 167 7.18 22.11 51.78
CA LEU B 167 8.29 22.16 52.74
C LEU B 167 7.85 21.64 54.09
N ASN B 168 6.72 22.16 54.55
CA ASN B 168 6.10 21.69 55.79
C ASN B 168 5.96 20.17 55.79
N ASN B 169 5.55 19.59 54.67
CA ASN B 169 5.38 18.15 54.57
C ASN B 169 6.69 17.36 54.49
N ARG B 170 7.74 17.97 53.94
CA ARG B 170 9.03 17.30 53.78
C ARG B 170 9.82 17.24 55.08
N PHE B 171 9.82 18.36 55.81
CA PHE B 171 10.73 18.52 56.95
C PHE B 171 10.18 18.23 58.35
N GLN B 172 8.97 17.71 58.45
CA GLN B 172 8.43 17.30 59.74
C GLN B 172 7.63 16.01 59.64
N VAL C 2 -1.82 -7.01 16.14
CA VAL C 2 -2.71 -6.41 17.13
C VAL C 2 -4.14 -6.75 16.80
N GLN C 3 -4.51 -8.00 17.05
CA GLN C 3 -5.85 -8.48 16.80
C GLN C 3 -6.57 -8.76 18.11
N LEU C 4 -7.82 -8.31 18.18
CA LEU C 4 -8.71 -8.63 19.30
C LEU C 4 -9.82 -9.54 18.79
N GLN C 5 -9.87 -10.75 19.33
CA GLN C 5 -10.76 -11.80 18.82
C GLN C 5 -11.90 -12.10 19.79
N GLN C 6 -13.11 -11.76 19.39
CA GLN C 6 -14.27 -11.80 20.28
C GLN C 6 -15.12 -13.05 20.08
N SER C 7 -15.78 -13.47 21.15
CA SER C 7 -16.51 -14.73 21.16
C SER C 7 -17.74 -14.69 20.24
N GLY C 8 -18.48 -15.80 20.21
CA GLY C 8 -19.58 -15.94 19.28
C GLY C 8 -20.82 -15.18 19.69
N ALA C 9 -21.73 -14.99 18.74
CA ALA C 9 -22.99 -14.32 19.02
C ALA C 9 -23.78 -15.09 20.08
N GLU C 10 -24.47 -14.36 20.94
CA GLU C 10 -25.25 -14.95 22.02
C GLU C 10 -26.73 -14.66 21.86
N VAL C 11 -27.57 -15.54 22.42
CA VAL C 11 -29.00 -15.31 22.49
C VAL C 11 -29.49 -15.67 23.89
N LYS C 12 -30.02 -14.68 24.60
CA LYS C 12 -30.41 -14.86 25.99
C LYS C 12 -31.83 -14.33 26.27
N THR C 13 -32.52 -14.96 27.20
CA THR C 13 -33.84 -14.51 27.62
C THR C 13 -33.69 -13.52 28.78
N PRO C 14 -34.66 -12.59 28.92
CA PRO C 14 -34.59 -11.62 30.01
C PRO C 14 -34.38 -12.26 31.38
N GLY C 15 -33.56 -11.61 32.22
CA GLY C 15 -33.28 -12.09 33.55
C GLY C 15 -31.97 -12.87 33.62
N ALA C 16 -31.48 -13.28 32.44
CA ALA C 16 -30.33 -14.17 32.37
C ALA C 16 -29.01 -13.41 32.50
N SER C 17 -27.91 -14.11 32.26
CA SER C 17 -26.58 -13.52 32.30
C SER C 17 -25.89 -13.73 30.98
N VAL C 18 -24.84 -12.96 30.74
CA VAL C 18 -23.98 -13.21 29.59
C VAL C 18 -22.53 -12.83 29.95
N LYS C 19 -21.59 -13.63 29.47
CA LYS C 19 -20.16 -13.33 29.65
C LYS C 19 -19.45 -13.38 28.31
N VAL C 20 -18.96 -12.23 27.86
CA VAL C 20 -18.33 -12.11 26.55
C VAL C 20 -16.80 -12.11 26.68
N SER C 21 -16.13 -12.69 25.69
CA SER C 21 -14.68 -12.87 25.74
C SER C 21 -13.97 -12.13 24.60
N CYS C 22 -12.74 -11.70 24.88
CA CYS C 22 -11.90 -10.99 23.93
C CYS C 22 -10.48 -11.55 24.07
N LYS C 23 -9.95 -12.19 23.03
CA LYS C 23 -8.60 -12.74 23.07
C LYS C 23 -7.65 -11.83 22.30
N ALA C 24 -6.73 -11.22 23.02
CA ALA C 24 -5.82 -10.25 22.43
C ALA C 24 -4.54 -10.93 22.00
N SER C 25 -4.01 -10.51 20.86
CA SER C 25 -2.74 -11.03 20.36
C SER C 25 -2.01 -9.96 19.56
N GLY C 26 -0.68 -10.00 19.58
CA GLY C 26 0.10 -9.08 18.76
C GLY C 26 0.63 -7.90 19.54
N TYR C 27 0.45 -7.93 20.85
CA TYR C 27 1.02 -6.91 21.72
C TYR C 27 1.14 -7.48 23.13
N THR C 28 1.90 -6.80 23.98
CA THR C 28 2.07 -7.26 25.35
C THR C 28 0.81 -6.89 26.10
N PHE C 29 0.11 -7.92 26.56
CA PHE C 29 -1.27 -7.78 27.03
C PHE C 29 -1.39 -6.95 28.30
N THR C 30 -0.40 -7.08 29.17
CA THR C 30 -0.40 -6.39 30.47
C THR C 30 0.15 -4.96 30.40
N SER C 31 0.48 -4.51 29.18
CA SER C 31 0.91 -3.14 28.98
C SER C 31 -0.26 -2.20 28.67
N PHE C 32 -1.45 -2.76 28.50
CA PHE C 32 -2.61 -1.94 28.15
C PHE C 32 -3.84 -2.24 28.98
N GLY C 33 -4.87 -1.44 28.76
CA GLY C 33 -6.19 -1.70 29.26
C GLY C 33 -7.12 -2.15 28.15
N VAL C 34 -8.36 -2.43 28.53
CA VAL C 34 -9.39 -2.79 27.59
C VAL C 34 -10.67 -2.10 28.03
N SER C 35 -11.43 -1.63 27.06
CA SER C 35 -12.62 -0.86 27.32
C SER C 35 -13.78 -1.45 26.53
N TRP C 36 -14.92 -1.59 27.18
CA TRP C 36 -16.08 -2.21 26.58
C TRP C 36 -17.10 -1.15 26.19
N ILE C 37 -17.59 -1.29 24.96
CA ILE C 37 -18.48 -0.32 24.34
C ILE C 37 -19.56 -1.03 23.53
N ARG C 38 -20.83 -0.69 23.73
CA ARG C 38 -21.90 -1.38 23.00
C ARG C 38 -22.65 -0.47 22.06
N GLN C 39 -23.24 -1.06 21.02
CA GLN C 39 -24.02 -0.32 20.04
C GLN C 39 -25.28 -1.08 19.68
N ALA C 40 -26.43 -0.49 20.00
CA ALA C 40 -27.70 -1.15 19.69
C ALA C 40 -28.01 -0.96 18.21
N PRO C 41 -28.85 -1.83 17.64
CA PRO C 41 -29.07 -1.79 16.19
C PRO C 41 -29.50 -0.42 15.70
N GLY C 42 -28.81 0.10 14.70
CA GLY C 42 -29.11 1.42 14.16
C GLY C 42 -29.07 2.49 15.24
N GLN C 43 -28.04 2.45 16.08
CA GLN C 43 -27.89 3.42 17.15
C GLN C 43 -26.41 3.79 17.31
N GLY C 44 -26.14 4.65 18.28
CA GLY C 44 -24.79 5.15 18.49
C GLY C 44 -23.97 4.27 19.41
N LEU C 45 -22.84 4.80 19.85
CA LEU C 45 -21.94 4.07 20.72
C LEU C 45 -22.12 4.51 22.16
N GLU C 46 -22.14 3.53 23.06
CA GLU C 46 -22.28 3.80 24.49
C GLU C 46 -21.14 3.09 25.22
N TRP C 47 -20.38 3.85 26.01
CA TRP C 47 -19.24 3.29 26.73
C TRP C 47 -19.74 2.56 27.97
N ILE C 48 -19.48 1.25 28.06
CA ILE C 48 -19.78 0.49 29.27
C ILE C 48 -18.72 0.67 30.35
N GLY C 49 -17.45 0.52 29.99
CA GLY C 49 -16.44 0.61 31.03
C GLY C 49 -15.00 0.35 30.64
N TRP C 50 -14.12 0.43 31.62
CA TRP C 50 -12.69 0.26 31.38
C TRP C 50 -12.02 -0.56 32.47
N ILE C 51 -11.04 -1.35 32.07
CA ILE C 51 -10.28 -2.15 33.01
C ILE C 51 -8.82 -2.22 32.58
N SER C 52 -7.93 -2.19 33.56
CA SER C 52 -6.50 -2.22 33.28
C SER C 52 -5.98 -3.64 33.42
N ALA C 53 -5.43 -4.16 32.33
CA ALA C 53 -4.78 -5.47 32.39
C ALA C 53 -3.43 -5.34 33.10
N TYR C 54 -3.08 -4.09 33.42
CA TYR C 54 -1.79 -3.77 34.04
C TYR C 54 -1.87 -3.79 35.57
N ASN C 55 -2.56 -2.82 36.17
CA ASN C 55 -2.75 -2.78 37.63
C ASN C 55 -4.10 -3.27 38.16
N GLY C 56 -4.99 -3.72 37.27
CA GLY C 56 -6.27 -4.26 37.70
C GLY C 56 -7.31 -3.21 38.05
N ASP C 57 -7.01 -1.96 37.78
CA ASP C 57 -7.92 -0.86 38.09
C ASP C 57 -9.21 -1.00 37.30
N THR C 58 -10.26 -0.36 37.76
CA THR C 58 -11.57 -0.52 37.14
C THR C 58 -12.37 0.79 37.15
N TYR C 59 -12.98 1.12 36.01
CA TYR C 59 -13.89 2.28 35.95
C TYR C 59 -15.17 1.93 35.20
N TYR C 60 -16.31 1.96 35.89
CA TYR C 60 -17.59 1.63 35.26
C TYR C 60 -18.46 2.87 35.09
N ALA C 61 -19.16 2.95 33.97
CA ALA C 61 -20.17 3.99 33.79
C ALA C 61 -21.24 3.78 34.85
N GLN C 62 -21.71 4.88 35.45
CA GLN C 62 -22.66 4.79 36.54
C GLN C 62 -23.81 3.84 36.19
N LYS C 63 -24.23 3.89 34.94
CA LYS C 63 -25.37 3.12 34.48
C LYS C 63 -25.18 1.61 34.68
N PHE C 64 -24.00 1.11 34.33
CA PHE C 64 -23.71 -0.32 34.41
C PHE C 64 -22.98 -0.73 35.69
N GLN C 65 -22.81 0.23 36.60
CA GLN C 65 -22.10 -0.03 37.84
C GLN C 65 -22.63 -1.32 38.46
N ALA C 66 -23.95 -1.43 38.54
CA ALA C 66 -24.59 -2.52 39.27
C ALA C 66 -24.53 -3.87 38.57
N ARG C 67 -24.91 -3.90 37.30
CA ARG C 67 -25.14 -5.16 36.61
C ARG C 67 -23.92 -5.76 35.92
N VAL C 68 -22.84 -5.00 35.81
CA VAL C 68 -21.69 -5.42 35.01
C VAL C 68 -20.44 -5.63 35.84
N THR C 69 -19.65 -6.65 35.50
CA THR C 69 -18.29 -6.80 36.03
C THR C 69 -17.32 -7.17 34.92
N MET C 70 -16.20 -6.46 34.88
CA MET C 70 -15.15 -6.70 33.90
C MET C 70 -13.99 -7.46 34.53
N THR C 71 -13.46 -8.43 33.80
CA THR C 71 -12.31 -9.18 34.30
C THR C 71 -11.26 -9.33 33.21
N THR C 72 -10.07 -9.75 33.60
CA THR C 72 -9.04 -10.13 32.64
C THR C 72 -8.30 -11.33 33.17
N ASP C 73 -7.76 -12.11 32.24
CA ASP C 73 -7.00 -13.31 32.53
C ASP C 73 -5.68 -13.20 31.78
N THR C 74 -4.58 -13.06 32.53
CA THR C 74 -3.29 -12.73 31.95
C THR C 74 -2.65 -13.91 31.23
N SER C 75 -2.86 -15.11 31.74
CA SER C 75 -2.28 -16.31 31.14
C SER C 75 -2.87 -16.60 29.76
N THR C 76 -4.15 -16.26 29.58
CA THR C 76 -4.78 -16.43 28.28
C THR C 76 -4.79 -15.13 27.48
N THR C 77 -4.24 -14.08 28.06
CA THR C 77 -4.33 -12.74 27.48
C THR C 77 -5.76 -12.49 26.96
N THR C 78 -6.72 -12.52 27.88
CA THR C 78 -8.14 -12.46 27.51
C THR C 78 -8.92 -11.55 28.43
N ALA C 79 -9.81 -10.72 27.88
CA ALA C 79 -10.66 -9.85 28.69
C ALA C 79 -12.09 -10.36 28.64
N TYR C 80 -12.80 -10.29 29.76
CA TYR C 80 -14.19 -10.70 29.82
C TYR C 80 -15.09 -9.58 30.31
N MET C 81 -16.33 -9.59 29.84
CA MET C 81 -17.36 -8.64 30.26
C MET C 81 -18.62 -9.41 30.64
N GLU C 82 -19.03 -9.33 31.90
CA GLU C 82 -20.23 -10.04 32.32
C GLU C 82 -21.36 -9.10 32.70
N MET C 83 -22.51 -9.29 32.06
CA MET C 83 -23.69 -8.51 32.37
C MET C 83 -24.77 -9.43 32.95
N ARG C 84 -25.35 -9.01 34.07
CA ARG C 84 -26.35 -9.77 34.79
C ARG C 84 -27.72 -9.12 34.66
N SER C 85 -28.77 -9.87 34.98
CA SER C 85 -30.14 -9.38 34.95
C SER C 85 -30.44 -8.65 33.63
N LEU C 86 -30.35 -9.37 32.53
CA LEU C 86 -30.54 -8.80 31.20
C LEU C 86 -31.98 -8.37 30.96
N ARG C 87 -32.16 -7.18 30.40
CA ARG C 87 -33.43 -6.77 29.83
C ARG C 87 -33.31 -6.85 28.32
N SER C 88 -34.40 -6.57 27.61
CA SER C 88 -34.41 -6.70 26.17
C SER C 88 -33.68 -5.55 25.50
N ASP C 89 -33.65 -4.39 26.15
CA ASP C 89 -32.97 -3.22 25.58
C ASP C 89 -31.45 -3.36 25.65
N ASP C 90 -30.98 -4.42 26.31
CA ASP C 90 -29.55 -4.71 26.35
C ASP C 90 -29.11 -5.32 25.03
N THR C 91 -30.07 -5.64 24.17
CA THR C 91 -29.76 -6.17 22.85
C THR C 91 -28.88 -5.17 22.12
N ALA C 92 -27.69 -5.62 21.73
CA ALA C 92 -26.77 -4.77 21.01
C ALA C 92 -25.56 -5.58 20.54
N VAL C 93 -24.66 -4.90 19.85
CA VAL C 93 -23.37 -5.49 19.51
C VAL C 93 -22.38 -4.98 20.54
N TYR C 94 -21.61 -5.89 21.12
CA TYR C 94 -20.66 -5.50 22.15
C TYR C 94 -19.23 -5.56 21.61
N TYR C 95 -18.56 -4.41 21.67
CA TYR C 95 -17.19 -4.26 21.20
C TYR C 95 -16.22 -4.17 22.37
N CYS C 96 -15.02 -4.69 22.14
CA CYS C 96 -13.95 -4.67 23.09
C CYS C 96 -12.80 -3.94 22.41
N ALA C 97 -12.31 -2.86 23.01
CA ALA C 97 -11.30 -2.03 22.35
C ALA C 97 -10.09 -1.76 23.25
N ARG C 98 -8.90 -1.72 22.65
CA ARG C 98 -7.67 -1.49 23.41
C ARG C 98 -7.55 -0.06 23.90
N GLU C 99 -7.10 0.10 25.15
CA GLU C 99 -6.98 1.40 25.79
C GLU C 99 -5.68 1.49 26.58
N PRO C 100 -5.31 2.71 27.01
CA PRO C 100 -4.12 2.90 27.85
C PRO C 100 -4.18 2.07 29.13
N PRO C 101 -3.01 1.74 29.72
CA PRO C 101 -2.97 0.93 30.93
C PRO C 101 -3.45 1.68 32.18
N LEU C 102 -3.43 3.00 32.14
CA LEU C 102 -3.94 3.83 33.23
C LEU C 102 -5.14 4.61 32.71
N PHE C 103 -6.05 4.98 33.61
CA PHE C 103 -7.32 5.57 33.17
C PHE C 103 -7.16 6.96 32.55
N TYR C 104 -6.54 7.88 33.30
CA TYR C 104 -6.46 9.26 32.85
C TYR C 104 -5.30 9.47 31.89
N SER C 105 -5.19 8.57 30.91
CA SER C 105 -4.13 8.65 29.92
C SER C 105 -4.60 9.46 28.72
N SER C 106 -3.74 9.54 27.70
CA SER C 106 -3.85 10.58 26.68
C SER C 106 -4.32 10.12 25.31
N TRP C 107 -4.51 8.82 25.11
CA TRP C 107 -5.07 8.32 23.85
C TRP C 107 -6.28 7.42 24.13
N SER C 108 -6.90 6.89 23.08
CA SER C 108 -8.19 6.22 23.25
C SER C 108 -8.55 5.19 22.19
N LEU C 109 -9.04 4.04 22.64
CA LEU C 109 -9.68 3.03 21.79
C LEU C 109 -9.01 2.90 20.42
N ASP C 110 -7.73 2.56 20.41
CA ASP C 110 -6.99 2.52 19.15
C ASP C 110 -7.23 1.24 18.32
N ASN C 111 -7.55 0.13 18.97
CA ASN C 111 -7.83 -1.13 18.25
C ASN C 111 -9.12 -1.80 18.71
N TRP C 112 -9.95 -2.20 17.74
CA TRP C 112 -11.28 -2.70 18.03
C TRP C 112 -11.49 -4.15 17.65
N GLY C 113 -12.13 -4.90 18.53
CA GLY C 113 -12.55 -6.27 18.22
C GLY C 113 -13.62 -6.22 17.17
N GLN C 114 -13.99 -7.39 16.63
CA GLN C 114 -15.01 -7.46 15.59
C GLN C 114 -16.40 -7.25 16.15
N GLY C 115 -16.53 -7.40 17.47
CA GLY C 115 -17.80 -7.22 18.14
C GLY C 115 -18.62 -8.49 18.16
N THR C 116 -19.45 -8.67 19.18
CA THR C 116 -20.26 -9.86 19.31
C THR C 116 -21.70 -9.47 19.64
N LEU C 117 -22.64 -10.00 18.85
CA LEU C 117 -24.04 -9.60 18.99
C LEU C 117 -24.74 -10.39 20.08
N VAL C 118 -25.21 -9.69 21.10
CA VAL C 118 -26.01 -10.30 22.15
C VAL C 118 -27.47 -9.90 21.97
N THR C 119 -28.33 -10.90 21.74
CA THR C 119 -29.76 -10.65 21.53
C THR C 119 -30.56 -11.10 22.75
N VAL C 120 -31.26 -10.17 23.39
CA VAL C 120 -32.11 -10.53 24.52
C VAL C 120 -33.58 -10.54 24.11
N SER C 121 -34.15 -11.74 24.07
CA SER C 121 -35.53 -11.94 23.63
C SER C 121 -36.14 -13.13 24.35
N SER C 122 -37.45 -13.08 24.59
CA SER C 122 -38.15 -14.22 25.19
C SER C 122 -38.57 -15.20 24.10
N ALA C 123 -38.39 -14.81 22.85
CA ALA C 123 -38.74 -15.65 21.70
C ALA C 123 -37.79 -16.84 21.57
N SER C 124 -38.36 -18.03 21.44
CA SER C 124 -37.59 -19.24 21.17
C SER C 124 -37.27 -19.34 19.68
N THR C 125 -36.20 -20.05 19.36
CA THR C 125 -35.71 -20.18 17.99
C THR C 125 -36.78 -20.64 17.01
N LYS C 126 -36.81 -20.04 15.83
CA LYS C 126 -37.71 -20.46 14.76
C LYS C 126 -37.13 -20.19 13.37
N GLY C 127 -37.39 -21.09 12.42
CA GLY C 127 -36.97 -20.90 11.05
C GLY C 127 -37.96 -20.05 10.26
N PRO C 128 -37.47 -19.37 9.21
CA PRO C 128 -38.27 -18.46 8.38
C PRO C 128 -39.23 -19.18 7.45
N SER C 129 -40.43 -18.62 7.26
CA SER C 129 -41.31 -19.06 6.19
C SER C 129 -40.98 -18.20 4.96
N VAL C 130 -40.94 -18.82 3.79
CA VAL C 130 -40.55 -18.07 2.59
C VAL C 130 -41.67 -18.08 1.56
N PHE C 131 -42.18 -16.89 1.25
CA PHE C 131 -43.24 -16.74 0.24
C PHE C 131 -42.71 -15.96 -0.95
N PRO C 132 -43.30 -16.20 -2.13
CA PRO C 132 -42.89 -15.47 -3.34
C PRO C 132 -43.47 -14.06 -3.45
N LEU C 133 -42.70 -13.16 -4.06
CA LEU C 133 -43.24 -11.90 -4.55
C LEU C 133 -43.21 -11.99 -6.07
N ALA C 134 -44.40 -12.15 -6.66
CA ALA C 134 -44.51 -12.51 -8.06
C ALA C 134 -44.60 -11.30 -8.98
N PRO C 135 -43.84 -11.32 -10.09
CA PRO C 135 -43.84 -10.25 -11.09
C PRO C 135 -45.08 -10.25 -11.98
N SER C 136 -45.61 -9.07 -12.29
CA SER C 136 -46.53 -8.90 -13.41
C SER C 136 -46.34 -7.53 -14.05
N SER C 137 -46.27 -7.50 -15.38
CA SER C 137 -46.16 -6.24 -16.11
C SER C 137 -47.55 -5.82 -16.58
N LYS C 138 -47.82 -4.52 -16.56
CA LYS C 138 -49.12 -3.98 -16.94
C LYS C 138 -49.76 -4.81 -18.06
N GLY C 142 -41.49 -6.93 -22.67
CA GLY C 142 -41.51 -5.59 -23.20
C GLY C 142 -41.15 -4.52 -22.19
N GLY C 143 -40.13 -4.76 -21.36
CA GLY C 143 -39.69 -3.80 -20.37
C GLY C 143 -38.81 -4.36 -19.27
N THR C 144 -38.79 -3.68 -18.13
CA THR C 144 -38.03 -4.10 -16.96
C THR C 144 -38.97 -4.38 -15.78
N ALA C 145 -38.88 -5.58 -15.21
CA ALA C 145 -39.81 -6.00 -14.17
C ALA C 145 -39.09 -6.43 -12.90
N ALA C 146 -39.84 -6.48 -11.79
CA ALA C 146 -39.28 -6.77 -10.48
C ALA C 146 -39.96 -7.96 -9.81
N LEU C 147 -39.19 -8.74 -9.06
CA LEU C 147 -39.73 -9.91 -8.34
C LEU C 147 -38.96 -10.13 -7.05
N GLY C 148 -39.35 -11.11 -6.24
CA GLY C 148 -38.59 -11.36 -5.02
C GLY C 148 -39.08 -12.44 -4.06
N CYS C 149 -38.60 -12.33 -2.82
CA CYS C 149 -38.90 -13.29 -1.76
C CYS C 149 -39.21 -12.56 -0.46
N LEU C 150 -40.27 -12.97 0.21
CA LEU C 150 -40.58 -12.49 1.55
C LEU C 150 -40.21 -13.58 2.56
N VAL C 151 -39.19 -13.30 3.36
CA VAL C 151 -38.73 -14.21 4.39
C VAL C 151 -39.27 -13.73 5.72
N LYS C 152 -40.26 -14.45 6.24
CA LYS C 152 -41.06 -13.92 7.34
C LYS C 152 -40.97 -14.79 8.59
N ASP C 153 -41.02 -14.11 9.74
CA ASP C 153 -41.16 -14.75 11.03
C ASP C 153 -40.07 -15.76 11.34
N TYR C 154 -38.84 -15.28 11.51
CA TYR C 154 -37.74 -16.12 11.97
C TYR C 154 -37.09 -15.52 13.22
N PHE C 155 -36.11 -16.23 13.77
CA PHE C 155 -35.40 -15.79 14.98
C PHE C 155 -34.35 -16.83 15.36
N PRO C 156 -33.17 -16.37 15.78
CA PRO C 156 -32.76 -14.97 15.80
C PRO C 156 -32.12 -14.60 14.47
N GLU C 157 -31.59 -13.40 14.34
CA GLU C 157 -30.78 -13.05 13.17
C GLU C 157 -29.53 -13.93 13.20
N PRO C 158 -28.82 -14.06 12.07
CA PRO C 158 -29.00 -13.52 10.71
C PRO C 158 -29.69 -14.48 9.75
N VAL C 159 -29.89 -14.01 8.53
CA VAL C 159 -30.40 -14.83 7.44
C VAL C 159 -29.60 -14.55 6.17
N THR C 160 -29.26 -15.61 5.45
CA THR C 160 -28.58 -15.48 4.17
C THR C 160 -29.62 -15.53 3.07
N VAL C 161 -29.42 -14.73 2.03
CA VAL C 161 -30.27 -14.83 0.85
C VAL C 161 -29.47 -14.64 -0.41
N SER C 162 -29.66 -15.55 -1.38
CA SER C 162 -28.97 -15.46 -2.66
C SER C 162 -29.92 -15.84 -3.80
N TRP C 163 -29.50 -15.57 -5.03
CA TRP C 163 -30.35 -15.88 -6.19
C TRP C 163 -29.63 -16.78 -7.20
N ASN C 164 -30.33 -17.82 -7.64
CA ASN C 164 -29.78 -18.82 -8.54
C ASN C 164 -28.48 -19.39 -8.00
N SER C 165 -28.48 -19.62 -6.69
CA SER C 165 -27.32 -20.16 -5.97
C SER C 165 -26.07 -19.30 -6.13
N GLY C 166 -26.26 -18.00 -6.32
CA GLY C 166 -25.15 -17.07 -6.44
C GLY C 166 -24.93 -16.55 -7.85
N ALA C 167 -25.56 -17.20 -8.83
CA ALA C 167 -25.36 -16.85 -10.24
C ALA C 167 -25.98 -15.50 -10.58
N LEU C 168 -26.93 -15.04 -9.78
CA LEU C 168 -27.56 -13.75 -10.01
C LEU C 168 -27.16 -12.74 -8.95
N THR C 169 -26.57 -11.63 -9.40
CA THR C 169 -26.09 -10.59 -8.49
C THR C 169 -26.61 -9.21 -8.87
N SER C 170 -26.20 -8.73 -10.04
CA SER C 170 -26.54 -7.37 -10.46
C SER C 170 -28.04 -7.12 -10.48
N GLY C 171 -28.46 -6.06 -9.78
CA GLY C 171 -29.86 -5.68 -9.73
C GLY C 171 -30.57 -6.15 -8.47
N VAL C 172 -29.84 -6.86 -7.61
CA VAL C 172 -30.41 -7.45 -6.40
C VAL C 172 -30.25 -6.57 -5.16
N HIS C 173 -31.29 -6.58 -4.33
CA HIS C 173 -31.32 -5.84 -3.08
C HIS C 173 -31.92 -6.69 -1.96
N THR C 174 -31.14 -6.94 -0.92
CA THR C 174 -31.68 -7.60 0.25
C THR C 174 -31.75 -6.64 1.42
N PHE C 175 -32.97 -6.32 1.83
CA PHE C 175 -33.20 -5.31 2.85
C PHE C 175 -32.83 -5.80 4.24
N PRO C 176 -32.31 -4.89 5.08
CA PRO C 176 -32.11 -5.21 6.49
C PRO C 176 -33.38 -5.80 7.07
N ALA C 177 -33.24 -6.73 8.01
CA ALA C 177 -34.40 -7.28 8.68
C ALA C 177 -35.08 -6.19 9.50
N VAL C 178 -36.39 -6.30 9.62
CA VAL C 178 -37.16 -5.47 10.53
C VAL C 178 -37.67 -6.38 11.62
N LEU C 179 -37.82 -5.87 12.83
CA LEU C 179 -38.29 -6.70 13.93
C LEU C 179 -39.76 -6.42 14.29
N GLN C 180 -40.60 -7.40 14.01
CA GLN C 180 -42.05 -7.28 14.19
C GLN C 180 -42.45 -7.34 15.66
N SER C 181 -43.68 -6.90 15.95
CA SER C 181 -44.20 -6.88 17.31
C SER C 181 -44.14 -8.25 17.96
N SER C 182 -44.40 -9.29 17.16
CA SER C 182 -44.41 -10.67 17.65
C SER C 182 -43.09 -11.06 18.30
N GLY C 183 -42.01 -10.41 17.89
CA GLY C 183 -40.67 -10.72 18.38
C GLY C 183 -39.87 -11.47 17.34
N LEU C 184 -40.48 -11.72 16.18
CA LEU C 184 -39.81 -12.41 15.10
C LEU C 184 -39.40 -11.43 14.02
N TYR C 185 -38.26 -11.68 13.38
CA TYR C 185 -37.83 -10.80 12.31
C TYR C 185 -38.49 -11.16 11.00
N SER C 186 -38.30 -10.28 10.02
CA SER C 186 -38.79 -10.50 8.68
C SER C 186 -37.96 -9.62 7.75
N LEU C 187 -37.79 -10.04 6.51
CA LEU C 187 -37.10 -9.22 5.52
C LEU C 187 -37.49 -9.66 4.13
N SER C 188 -37.29 -8.80 3.15
CA SER C 188 -37.58 -9.15 1.78
C SER C 188 -36.32 -9.02 0.95
N SER C 189 -36.16 -9.93 0.00
CA SER C 189 -35.10 -9.82 -0.99
C SER C 189 -35.77 -9.57 -2.33
N VAL C 190 -35.13 -8.77 -3.16
CA VAL C 190 -35.77 -8.29 -4.37
C VAL C 190 -34.77 -8.24 -5.52
N VAL C 191 -35.24 -8.61 -6.71
CA VAL C 191 -34.40 -8.50 -7.89
C VAL C 191 -35.13 -7.75 -8.99
N THR C 192 -34.36 -7.01 -9.77
CA THR C 192 -34.85 -6.36 -10.97
C THR C 192 -34.25 -7.05 -12.19
N VAL C 193 -35.12 -7.56 -13.06
CA VAL C 193 -34.70 -8.30 -14.24
C VAL C 193 -35.52 -7.90 -15.46
N PRO C 194 -34.98 -8.13 -16.67
CA PRO C 194 -35.72 -7.88 -17.90
C PRO C 194 -36.99 -8.73 -17.98
N SER C 195 -38.11 -8.08 -18.31
CA SER C 195 -39.40 -8.76 -18.38
C SER C 195 -39.33 -9.93 -19.36
N SER C 196 -38.60 -9.75 -20.46
CA SER C 196 -38.48 -10.79 -21.48
C SER C 196 -37.98 -12.11 -20.91
N SER C 197 -36.88 -12.06 -20.16
CA SER C 197 -36.30 -13.27 -19.57
C SER C 197 -37.24 -13.90 -18.54
N LEU C 198 -38.33 -13.20 -18.24
CA LEU C 198 -39.34 -13.69 -17.30
C LEU C 198 -39.89 -15.04 -17.75
N GLY C 199 -40.23 -15.16 -19.02
CA GLY C 199 -40.86 -16.36 -19.55
C GLY C 199 -39.91 -17.51 -19.86
N THR C 200 -38.61 -17.20 -19.96
CA THR C 200 -37.63 -18.23 -20.28
C THR C 200 -36.84 -18.71 -19.06
N GLN C 201 -36.08 -17.82 -18.44
CA GLN C 201 -35.19 -18.21 -17.34
C GLN C 201 -35.91 -18.39 -16.00
N THR C 202 -35.42 -19.37 -15.23
CA THR C 202 -35.96 -19.69 -13.92
C THR C 202 -35.29 -18.84 -12.83
N TYR C 203 -36.07 -18.45 -11.82
CA TYR C 203 -35.56 -17.67 -10.70
C TYR C 203 -35.80 -18.38 -9.37
N ILE C 204 -34.73 -18.74 -8.69
CA ILE C 204 -34.82 -19.41 -7.40
C ILE C 204 -34.10 -18.60 -6.33
N CYS C 205 -34.76 -18.35 -5.21
CA CYS C 205 -34.11 -17.68 -4.09
C CYS C 205 -33.76 -18.71 -3.02
N ASN C 206 -32.52 -18.63 -2.57
CA ASN C 206 -31.98 -19.56 -1.57
C ASN C 206 -31.79 -18.82 -0.26
N VAL C 207 -32.57 -19.21 0.72
CA VAL C 207 -32.56 -18.59 2.04
C VAL C 207 -31.93 -19.56 3.02
N ASN C 208 -30.93 -19.10 3.77
CA ASN C 208 -30.26 -19.94 4.75
C ASN C 208 -30.30 -19.34 6.14
N HIS C 209 -31.01 -19.99 7.05
CA HIS C 209 -31.07 -19.58 8.44
C HIS C 209 -30.23 -20.54 9.27
N LYS C 210 -29.06 -20.11 9.69
CA LYS C 210 -28.10 -21.00 10.35
C LYS C 210 -28.55 -21.46 11.73
N PRO C 211 -29.00 -20.54 12.60
CA PRO C 211 -29.36 -20.90 13.98
C PRO C 211 -30.50 -21.91 14.08
N SER C 212 -31.43 -21.91 13.13
CA SER C 212 -32.55 -22.85 13.16
C SER C 212 -32.26 -24.10 12.33
N ASN C 213 -31.05 -24.16 11.76
CA ASN C 213 -30.66 -25.29 10.92
C ASN C 213 -31.61 -25.46 9.75
N THR C 214 -31.96 -24.34 9.12
CA THR C 214 -32.94 -24.33 8.03
C THR C 214 -32.30 -23.79 6.76
N LYS C 215 -32.47 -24.54 5.67
CA LYS C 215 -32.12 -24.05 4.35
C LYS C 215 -33.32 -24.29 3.46
N VAL C 216 -33.76 -23.24 2.77
CA VAL C 216 -34.96 -23.32 1.96
C VAL C 216 -34.73 -22.68 0.59
N ASP C 217 -35.39 -23.22 -0.42
CA ASP C 217 -35.32 -22.65 -1.75
C ASP C 217 -36.72 -22.47 -2.29
N LYS C 218 -37.03 -21.28 -2.79
CA LYS C 218 -38.35 -21.04 -3.38
C LYS C 218 -38.18 -20.49 -4.79
N ARG C 219 -39.23 -20.54 -5.59
CA ARG C 219 -39.17 -19.95 -6.92
C ARG C 219 -40.37 -19.03 -7.18
N VAL C 220 -40.26 -18.22 -8.23
CA VAL C 220 -41.22 -17.17 -8.50
C VAL C 220 -41.76 -17.23 -9.93
N GLU C 221 -43.08 -17.39 -10.07
CA GLU C 221 -43.71 -17.37 -11.37
C GLU C 221 -45.02 -16.58 -11.29
N PRO C 222 -45.41 -15.93 -12.39
CA PRO C 222 -46.61 -15.06 -12.42
C PRO C 222 -47.96 -15.74 -12.12
N LYS C 223 -48.23 -16.89 -12.74
CA LYS C 223 -49.41 -17.71 -12.44
C LYS C 223 -50.71 -17.27 -13.15
N SER C 224 -50.67 -16.16 -13.87
CA SER C 224 -51.85 -15.67 -14.61
C SER C 224 -53.13 -15.86 -13.80
N GLU D 2 -23.11 14.22 33.46
CA GLU D 2 -22.10 13.74 32.46
C GLU D 2 -22.01 14.67 31.27
N ILE D 3 -20.93 14.54 30.51
CA ILE D 3 -20.64 15.46 29.41
C ILE D 3 -21.45 15.07 28.17
N VAL D 4 -22.05 16.07 27.52
CA VAL D 4 -22.99 15.81 26.44
C VAL D 4 -22.37 16.17 25.10
N MET D 5 -22.09 15.15 24.29
CA MET D 5 -21.48 15.38 22.99
C MET D 5 -22.55 15.55 21.93
N THR D 6 -22.44 16.63 21.19
CA THR D 6 -23.45 17.00 20.19
C THR D 6 -22.82 17.19 18.83
N GLN D 7 -23.19 16.35 17.88
CA GLN D 7 -22.63 16.45 16.53
C GLN D 7 -23.60 17.09 15.57
N SER D 8 -23.11 18.00 14.74
CA SER D 8 -23.96 18.55 13.68
C SER D 8 -23.22 18.90 12.38
N PRO D 9 -23.98 18.90 11.28
CA PRO D 9 -25.33 18.34 11.26
C PRO D 9 -25.30 16.82 11.17
N GLY D 10 -26.40 16.16 11.48
CA GLY D 10 -26.45 14.71 11.53
C GLY D 10 -26.18 13.99 10.21
N THR D 11 -26.36 14.68 9.08
CA THR D 11 -26.06 14.12 7.77
C THR D 11 -25.49 15.16 6.81
N LEU D 12 -24.45 14.78 6.08
CA LEU D 12 -23.91 15.61 5.00
C LEU D 12 -24.02 14.91 3.66
N SER D 13 -24.50 15.61 2.66
CA SER D 13 -24.48 15.11 1.29
C SER D 13 -23.42 15.87 0.53
N LEU D 14 -22.38 15.16 0.11
CA LEU D 14 -21.27 15.80 -0.59
C LEU D 14 -20.79 14.91 -1.72
N SER D 15 -19.98 15.46 -2.62
CA SER D 15 -19.55 14.73 -3.79
C SER D 15 -18.08 14.44 -3.64
N PRO D 16 -17.64 13.29 -4.15
CA PRO D 16 -16.22 12.93 -4.01
C PRO D 16 -15.31 14.01 -4.60
N GLY D 17 -14.33 14.43 -3.81
CA GLY D 17 -13.43 15.51 -4.21
C GLY D 17 -13.72 16.80 -3.45
N GLU D 18 -14.93 16.92 -2.92
CA GLU D 18 -15.29 18.07 -2.10
C GLU D 18 -14.75 17.88 -0.69
N ARG D 19 -14.94 18.88 0.16
CA ARG D 19 -14.43 18.84 1.52
C ARG D 19 -15.57 18.73 2.54
N ALA D 20 -15.48 17.74 3.43
CA ALA D 20 -16.48 17.57 4.49
C ALA D 20 -16.00 18.20 5.79
N THR D 21 -16.90 18.88 6.48
CA THR D 21 -16.58 19.51 7.76
C THR D 21 -17.62 19.12 8.81
N LEU D 22 -17.19 18.37 9.82
CA LEU D 22 -18.11 17.84 10.83
C LEU D 22 -17.92 18.52 12.18
N SER D 23 -19.02 18.88 12.84
CA SER D 23 -18.93 19.60 14.10
C SER D 23 -19.24 18.75 15.32
N CYS D 24 -18.47 18.99 16.38
CA CYS D 24 -18.69 18.37 17.70
C CYS D 24 -18.63 19.44 18.78
N ARG D 25 -19.74 19.69 19.47
CA ARG D 25 -19.76 20.61 20.60
C ARG D 25 -19.94 19.79 21.88
N ALA D 26 -19.31 20.21 22.97
CA ALA D 26 -19.40 19.49 24.23
C ALA D 26 -20.08 20.35 25.29
N SER D 27 -20.96 19.74 26.08
CA SER D 27 -21.77 20.50 27.03
C SER D 27 -20.89 21.36 27.93
N GLN D 28 -19.73 20.84 28.30
CA GLN D 28 -18.75 21.62 29.04
C GLN D 28 -17.36 21.37 28.46
N SER D 29 -16.37 22.09 28.99
CA SER D 29 -14.99 21.99 28.49
C SER D 29 -14.46 20.58 28.61
N VAL D 30 -13.95 20.04 27.51
CA VAL D 30 -13.39 18.69 27.49
C VAL D 30 -11.99 18.72 28.09
N SER D 31 -11.81 17.99 29.18
CA SER D 31 -10.56 18.06 29.92
C SER D 31 -9.39 17.67 29.04
N MET D 32 -8.35 18.49 29.03
CA MET D 32 -7.11 18.10 28.36
C MET D 32 -7.23 18.12 26.84
N ASN D 33 -8.41 18.47 26.35
CA ASN D 33 -8.71 18.36 24.93
C ASN D 33 -8.52 16.93 24.50
N TYR D 34 -8.94 16.00 25.34
CA TYR D 34 -8.88 14.61 24.94
C TYR D 34 -10.20 14.37 24.25
N LEU D 35 -10.15 14.38 22.93
CA LEU D 35 -11.32 14.20 22.11
C LEU D 35 -10.91 13.39 20.90
N ALA D 36 -11.63 12.31 20.65
CA ALA D 36 -11.29 11.41 19.56
C ALA D 36 -12.40 11.35 18.52
N TRP D 37 -11.99 11.10 17.28
CA TRP D 37 -12.92 10.88 16.18
C TRP D 37 -12.75 9.44 15.69
N PHE D 38 -13.88 8.76 15.51
CA PHE D 38 -13.92 7.39 15.01
C PHE D 38 -14.77 7.31 13.75
N GLN D 39 -14.43 6.38 12.86
CA GLN D 39 -15.18 6.15 11.64
C GLN D 39 -15.75 4.73 11.61
N GLN D 40 -17.03 4.62 11.25
CA GLN D 40 -17.67 3.33 11.16
C GLN D 40 -18.43 3.17 9.85
N LYS D 41 -18.02 2.17 9.08
CA LYS D 41 -18.76 1.75 7.90
C LYS D 41 -19.75 0.66 8.28
N PRO D 42 -20.81 0.50 7.47
CA PRO D 42 -21.85 -0.48 7.80
C PRO D 42 -21.29 -1.89 7.98
N GLY D 43 -21.66 -2.53 9.09
CA GLY D 43 -21.28 -3.92 9.31
C GLY D 43 -19.94 -4.10 9.99
N GLN D 44 -19.08 -3.10 9.89
CA GLN D 44 -17.76 -3.17 10.49
C GLN D 44 -17.73 -2.49 11.85
N ALA D 45 -16.59 -2.58 12.52
CA ALA D 45 -16.40 -1.89 13.78
C ALA D 45 -15.79 -0.52 13.52
N PRO D 46 -15.92 0.39 14.49
CA PRO D 46 -15.29 1.71 14.43
C PRO D 46 -13.77 1.62 14.27
N ARG D 47 -13.18 2.61 13.61
CA ARG D 47 -11.74 2.79 13.51
C ARG D 47 -11.38 4.06 14.26
N LEU D 48 -10.22 4.09 14.89
CA LEU D 48 -9.77 5.34 15.48
C LEU D 48 -9.13 6.21 14.40
N LEU D 49 -9.71 7.39 14.21
CA LEU D 49 -9.19 8.40 13.28
C LEU D 49 -8.31 9.40 14.00
N ILE D 50 -8.85 10.08 15.00
CA ILE D 50 -8.09 11.11 15.68
C ILE D 50 -8.19 10.99 17.20
N TYR D 51 -7.10 11.27 17.90
CA TYR D 51 -7.11 11.35 19.35
C TYR D 51 -6.38 12.64 19.71
N GLY D 52 -6.54 13.10 20.94
CA GLY D 52 -5.86 14.31 21.38
C GLY D 52 -6.35 15.52 20.61
N ALA D 53 -7.42 15.28 19.85
CA ALA D 53 -8.17 16.27 19.10
C ALA D 53 -7.54 16.76 17.80
N SER D 54 -6.21 16.81 17.71
CA SER D 54 -5.54 17.08 16.43
C SER D 54 -4.68 15.95 15.85
N ARG D 55 -4.51 14.89 16.63
CA ARG D 55 -3.47 13.88 16.34
C ARG D 55 -4.00 12.65 15.61
N ARG D 56 -3.39 12.35 14.47
CA ARG D 56 -3.80 11.21 13.65
C ARG D 56 -3.33 9.88 14.20
N ALA D 57 -4.26 8.94 14.35
CA ALA D 57 -3.93 7.56 14.68
C ALA D 57 -3.16 7.00 13.50
N THR D 58 -2.23 6.09 13.77
CA THR D 58 -1.31 5.64 12.71
C THR D 58 -2.05 4.94 11.58
N GLY D 59 -1.56 5.15 10.36
CA GLY D 59 -2.15 4.60 9.16
C GLY D 59 -3.25 5.46 8.60
N ILE D 60 -3.21 6.75 8.92
CA ILE D 60 -4.29 7.65 8.52
C ILE D 60 -3.78 8.84 7.72
N PRO D 61 -4.51 9.18 6.65
CA PRO D 61 -4.08 10.19 5.67
C PRO D 61 -3.99 11.59 6.23
N ASP D 62 -3.22 12.45 5.55
CA ASP D 62 -3.12 13.84 5.94
C ASP D 62 -4.40 14.60 5.61
N ARG D 63 -5.24 14.00 4.76
CA ARG D 63 -6.45 14.68 4.33
C ARG D 63 -7.48 14.73 5.47
N ILE D 64 -7.45 13.72 6.32
CA ILE D 64 -8.31 13.67 7.50
C ILE D 64 -7.61 14.39 8.65
N SER D 65 -8.20 15.48 9.16
CA SER D 65 -7.54 16.21 10.23
C SER D 65 -8.49 16.82 11.26
N GLY D 66 -8.12 16.74 12.53
CA GLY D 66 -8.92 17.29 13.60
C GLY D 66 -8.42 18.65 14.04
N SER D 67 -9.31 19.41 14.66
CA SER D 67 -9.00 20.76 15.09
C SER D 67 -9.96 21.21 16.18
N GLY D 68 -9.62 22.28 16.87
CA GLY D 68 -10.51 22.85 17.86
C GLY D 68 -10.04 22.55 19.28
N SER D 69 -10.83 22.97 20.25
CA SER D 69 -10.41 22.91 21.63
C SER D 69 -11.51 23.34 22.58
N GLY D 70 -11.33 23.01 23.86
CA GLY D 70 -12.29 23.38 24.86
C GLY D 70 -13.62 22.72 24.58
N THR D 71 -14.63 23.55 24.37
CA THR D 71 -15.96 23.09 24.06
C THR D 71 -16.18 22.77 22.57
N ASP D 72 -15.36 23.31 21.67
CA ASP D 72 -15.70 23.26 20.23
C ASP D 72 -14.67 22.56 19.36
N PHE D 73 -15.08 21.48 18.71
CA PHE D 73 -14.18 20.66 17.88
C PHE D 73 -14.69 20.40 16.47
N THR D 74 -13.75 20.23 15.55
CA THR D 74 -14.07 20.02 14.14
C THR D 74 -13.23 18.91 13.53
N LEU D 75 -13.89 18.07 12.74
CA LEU D 75 -13.19 17.06 11.95
C LEU D 75 -13.32 17.42 10.48
N THR D 76 -12.20 17.46 9.78
CA THR D 76 -12.20 17.91 8.39
C THR D 76 -11.66 16.83 7.48
N ILE D 77 -12.28 16.69 6.31
CA ILE D 77 -11.77 15.80 5.27
C ILE D 77 -11.64 16.60 3.97
N SER D 78 -10.41 16.74 3.50
CA SER D 78 -10.07 17.72 2.47
C SER D 78 -10.47 17.29 1.06
N ARG D 79 -10.24 16.02 0.75
CA ARG D 79 -10.66 15.48 -0.55
C ARG D 79 -11.39 14.18 -0.30
N LEU D 80 -12.68 14.16 -0.57
CA LEU D 80 -13.50 12.99 -0.25
C LEU D 80 -13.27 11.89 -1.28
N GLU D 81 -12.90 10.71 -0.78
CA GLU D 81 -12.72 9.55 -1.63
C GLU D 81 -13.80 8.55 -1.26
N PRO D 82 -14.15 7.65 -2.18
CA PRO D 82 -15.27 6.74 -1.91
C PRO D 82 -15.16 5.96 -0.60
N ALA D 83 -13.95 5.85 -0.06
CA ALA D 83 -13.75 5.12 1.20
C ALA D 83 -14.07 5.97 2.43
N ASP D 84 -14.26 7.27 2.23
CA ASP D 84 -14.52 8.19 3.33
C ASP D 84 -16.00 8.38 3.63
N PHE D 85 -16.86 7.87 2.75
CA PHE D 85 -18.29 7.97 3.00
C PHE D 85 -18.67 6.87 4.00
N ALA D 86 -19.15 7.32 5.16
CA ALA D 86 -19.27 6.48 6.34
C ALA D 86 -19.86 7.31 7.48
N VAL D 87 -20.05 6.69 8.64
CA VAL D 87 -20.52 7.44 9.80
C VAL D 87 -19.35 7.81 10.70
N TYR D 88 -19.39 9.01 11.28
CA TYR D 88 -18.34 9.49 12.16
C TYR D 88 -18.90 9.82 13.54
N TYR D 89 -18.15 9.40 14.56
CA TYR D 89 -18.48 9.65 15.95
C TYR D 89 -17.36 10.44 16.61
N CYS D 90 -17.70 11.33 17.53
CA CYS D 90 -16.69 11.95 18.38
C CYS D 90 -16.90 11.42 19.79
N GLN D 91 -15.84 11.38 20.57
CA GLN D 91 -15.95 10.97 21.97
C GLN D 91 -15.03 11.85 22.78
N GLN D 92 -15.40 12.11 24.03
CA GLN D 92 -14.53 12.82 24.93
C GLN D 92 -14.08 11.84 26.00
N TYR D 93 -12.79 11.57 26.03
CA TYR D 93 -12.20 10.70 27.04
C TYR D 93 -11.60 11.46 28.22
N GLY D 94 -11.88 12.76 28.27
CA GLY D 94 -11.43 13.60 29.37
C GLY D 94 -11.78 13.10 30.77
N THR D 95 -13.02 12.67 30.97
CA THR D 95 -13.47 12.22 32.29
C THR D 95 -14.38 11.01 32.20
N SER D 96 -14.66 10.41 33.35
CA SER D 96 -15.63 9.32 33.43
C SER D 96 -17.00 9.87 33.79
N PRO D 97 -18.06 9.40 33.10
CA PRO D 97 -17.98 8.42 32.02
C PRO D 97 -17.55 9.01 30.69
N ARG D 98 -16.89 8.20 29.86
CA ARG D 98 -16.55 8.61 28.52
C ARG D 98 -17.83 8.65 27.70
N THR D 99 -17.95 9.67 26.87
CA THR D 99 -19.21 9.89 26.16
C THR D 99 -18.98 10.18 24.68
N PHE D 100 -19.90 9.69 23.85
CA PHE D 100 -19.86 9.87 22.41
C PHE D 100 -20.98 10.80 21.96
N GLY D 101 -20.74 11.49 20.86
CA GLY D 101 -21.83 12.16 20.15
C GLY D 101 -22.59 11.10 19.40
N GLN D 102 -23.64 11.49 18.69
CA GLN D 102 -24.42 10.52 17.93
C GLN D 102 -24.30 10.72 16.43
N GLY D 103 -23.52 9.87 15.78
CA GLY D 103 -23.76 9.55 14.38
C GLY D 103 -23.81 10.62 13.31
N ALA D 104 -22.75 11.39 13.07
CA ALA D 104 -22.78 12.26 11.88
C ALA D 104 -22.44 11.44 10.62
N LYS D 105 -23.36 11.36 9.66
CA LYS D 105 -23.15 10.49 8.48
C LYS D 105 -22.85 11.27 7.21
N VAL D 106 -21.72 10.96 6.56
CA VAL D 106 -21.38 11.55 5.28
C VAL D 106 -21.79 10.61 4.15
N GLU D 107 -22.42 11.17 3.10
CA GLU D 107 -22.96 10.37 2.01
C GLU D 107 -22.81 11.08 0.66
N ILE D 108 -22.94 10.31 -0.41
CA ILE D 108 -22.63 10.80 -1.75
C ILE D 108 -23.79 11.60 -2.36
N LYS D 109 -23.52 12.86 -2.68
CA LYS D 109 -24.46 13.71 -3.40
C LYS D 109 -24.53 13.24 -4.85
N ARG D 110 -25.74 13.21 -5.38
CA ARG D 110 -26.00 12.60 -6.67
C ARG D 110 -27.06 13.40 -7.40
N THR D 111 -27.13 13.23 -8.71
CA THR D 111 -28.26 13.76 -9.47
C THR D 111 -29.53 13.20 -8.86
N VAL D 112 -30.54 14.03 -8.65
CA VAL D 112 -31.82 13.51 -8.18
C VAL D 112 -32.33 12.43 -9.13
N ALA D 113 -32.77 11.31 -8.55
CA ALA D 113 -33.25 10.18 -9.34
C ALA D 113 -34.51 9.58 -8.71
N ALA D 114 -35.57 9.47 -9.49
CA ALA D 114 -36.85 9.01 -8.98
C ALA D 114 -36.90 7.49 -8.79
N PRO D 115 -37.68 7.04 -7.80
CA PRO D 115 -37.85 5.61 -7.50
C PRO D 115 -38.74 4.91 -8.51
N SER D 116 -38.43 3.67 -8.85
CA SER D 116 -39.33 2.86 -9.65
C SER D 116 -40.18 2.05 -8.69
N VAL D 117 -41.50 2.21 -8.74
CA VAL D 117 -42.37 1.61 -7.73
C VAL D 117 -43.06 0.35 -8.23
N PHE D 118 -43.06 -0.68 -7.39
CA PHE D 118 -43.72 -1.95 -7.69
C PHE D 118 -44.55 -2.39 -6.50
N ILE D 119 -45.69 -3.03 -6.74
CA ILE D 119 -46.52 -3.53 -5.65
C ILE D 119 -46.83 -5.02 -5.76
N PHE D 120 -46.53 -5.75 -4.68
CA PHE D 120 -46.69 -7.20 -4.62
C PHE D 120 -47.79 -7.59 -3.65
N PRO D 121 -48.81 -8.33 -4.15
CA PRO D 121 -49.89 -8.92 -3.37
C PRO D 121 -49.41 -10.10 -2.53
N PRO D 122 -50.20 -10.54 -1.55
CA PRO D 122 -49.81 -11.66 -0.68
C PRO D 122 -49.82 -12.98 -1.44
N SER D 123 -48.95 -13.90 -1.06
CA SER D 123 -48.95 -15.24 -1.64
C SER D 123 -50.14 -16.02 -1.08
N ASP D 124 -50.76 -16.85 -1.92
CA ASP D 124 -51.88 -17.66 -1.47
C ASP D 124 -51.39 -18.62 -0.38
N GLU D 125 -50.17 -19.11 -0.55
CA GLU D 125 -49.57 -19.99 0.44
C GLU D 125 -49.55 -19.32 1.81
N GLN D 126 -49.18 -18.05 1.85
CA GLN D 126 -49.13 -17.32 3.11
C GLN D 126 -50.53 -17.09 3.66
N LEU D 127 -51.48 -16.84 2.77
CA LEU D 127 -52.86 -16.69 3.19
C LEU D 127 -53.33 -17.96 3.90
N LYS D 128 -52.88 -19.11 3.42
CA LYS D 128 -53.21 -20.37 4.06
C LYS D 128 -52.97 -20.30 5.58
N SER D 129 -51.87 -19.65 5.97
CA SER D 129 -51.44 -19.68 7.37
C SER D 129 -52.03 -18.55 8.22
N GLY D 130 -52.90 -17.73 7.63
CA GLY D 130 -53.72 -16.81 8.41
C GLY D 130 -53.37 -15.33 8.33
N THR D 131 -52.26 -15.00 7.68
CA THR D 131 -51.83 -13.60 7.58
C THR D 131 -51.55 -13.19 6.15
N ALA D 132 -51.84 -11.92 5.85
CA ALA D 132 -51.58 -11.35 4.54
C ALA D 132 -50.50 -10.27 4.63
N SER D 133 -49.53 -10.32 3.72
CA SER D 133 -48.46 -9.33 3.67
C SER D 133 -48.41 -8.68 2.31
N VAL D 134 -48.64 -7.38 2.26
CA VAL D 134 -48.53 -6.64 1.00
C VAL D 134 -47.24 -5.82 0.99
N VAL D 135 -46.46 -5.95 -0.09
CA VAL D 135 -45.16 -5.28 -0.12
C VAL D 135 -45.08 -4.21 -1.22
N CYS D 136 -44.59 -3.05 -0.86
CA CYS D 136 -44.35 -1.97 -1.81
C CYS D 136 -42.86 -1.76 -1.91
N LEU D 137 -42.34 -1.79 -3.12
CA LEU D 137 -40.92 -1.61 -3.35
C LEU D 137 -40.63 -0.32 -4.12
N LEU D 138 -39.81 0.53 -3.52
CA LEU D 138 -39.26 1.70 -4.18
C LEU D 138 -37.83 1.38 -4.59
N ASN D 139 -37.57 1.40 -5.89
CA ASN D 139 -36.29 0.91 -6.42
C ASN D 139 -35.39 2.00 -6.98
N ASN D 140 -34.19 2.09 -6.42
CA ASN D 140 -33.10 2.89 -6.95
C ASN D 140 -33.45 4.37 -7.12
N PHE D 141 -33.55 5.08 -6.00
CA PHE D 141 -33.84 6.50 -6.01
C PHE D 141 -32.80 7.30 -5.23
N TYR D 142 -33.01 8.61 -5.18
CA TYR D 142 -32.16 9.52 -4.44
C TYR D 142 -32.76 10.91 -4.57
N PRO D 143 -32.74 11.71 -3.49
CA PRO D 143 -32.20 11.42 -2.16
C PRO D 143 -33.01 10.38 -1.39
N ARG D 144 -32.62 10.13 -0.15
CA ARG D 144 -33.18 9.03 0.63
C ARG D 144 -34.61 9.33 1.11
N GLU D 145 -34.94 10.60 1.29
CA GLU D 145 -36.26 10.97 1.82
C GLU D 145 -37.36 10.52 0.87
N ALA D 146 -38.28 9.73 1.38
CA ALA D 146 -39.42 9.26 0.59
C ALA D 146 -40.61 9.00 1.48
N LYS D 147 -41.82 9.22 0.97
CA LYS D 147 -43.03 8.96 1.74
C LYS D 147 -43.85 7.85 1.11
N VAL D 148 -44.07 6.78 1.85
CA VAL D 148 -44.88 5.66 1.38
C VAL D 148 -46.17 5.61 2.19
N GLN D 149 -47.30 5.88 1.55
CA GLN D 149 -48.59 5.84 2.25
C GLN D 149 -49.47 4.71 1.70
N TRP D 150 -50.04 3.91 2.59
CA TRP D 150 -50.88 2.79 2.17
C TRP D 150 -52.35 3.17 2.14
N LYS D 151 -53.08 2.71 1.12
CA LYS D 151 -54.51 2.94 1.07
C LYS D 151 -55.26 1.65 0.75
N VAL D 152 -56.25 1.32 1.57
CA VAL D 152 -57.08 0.14 1.36
C VAL D 152 -58.53 0.57 1.17
N ASP D 153 -59.03 0.41 -0.05
CA ASP D 153 -60.33 0.94 -0.43
C ASP D 153 -60.30 2.46 -0.26
N ASN D 154 -59.13 3.03 -0.52
CA ASN D 154 -58.91 4.46 -0.40
C ASN D 154 -58.97 4.98 1.04
N ALA D 155 -58.70 4.09 1.98
CA ALA D 155 -58.59 4.48 3.39
C ALA D 155 -57.12 4.56 3.77
N LEU D 156 -56.69 5.72 4.24
CA LEU D 156 -55.29 5.90 4.59
C LEU D 156 -54.99 5.08 5.83
N GLN D 157 -54.04 4.16 5.71
CA GLN D 157 -53.65 3.27 6.79
C GLN D 157 -52.62 3.93 7.69
N SER D 158 -52.65 3.58 8.97
CA SER D 158 -51.54 3.93 9.87
C SER D 158 -51.30 2.82 10.89
N GLY D 159 -50.04 2.65 11.29
CA GLY D 159 -49.69 1.72 12.35
C GLY D 159 -49.47 0.28 11.94
N ASN D 160 -49.95 -0.10 10.76
CA ASN D 160 -49.85 -1.49 10.29
C ASN D 160 -48.71 -1.83 9.32
N SER D 161 -47.85 -0.87 9.03
CA SER D 161 -46.78 -1.10 8.06
C SER D 161 -45.40 -0.76 8.63
N GLN D 162 -44.41 -1.57 8.27
CA GLN D 162 -43.02 -1.29 8.65
C GLN D 162 -42.22 -1.08 7.39
N GLU D 163 -41.11 -0.36 7.45
CA GLU D 163 -40.29 -0.24 6.27
C GLU D 163 -38.80 -0.38 6.54
N SER D 164 -38.09 -0.89 5.54
CA SER D 164 -36.67 -1.12 5.62
C SER D 164 -35.95 -0.42 4.47
N VAL D 165 -34.77 0.13 4.75
CA VAL D 165 -34.00 0.83 3.73
C VAL D 165 -32.59 0.27 3.59
N THR D 166 -32.12 0.20 2.35
CA THR D 166 -30.79 -0.29 2.05
C THR D 166 -29.77 0.80 2.32
N GLU D 167 -28.52 0.52 1.96
CA GLU D 167 -27.46 1.49 2.15
C GLU D 167 -27.07 2.01 0.77
N GLN D 168 -26.56 3.24 0.73
CA GLN D 168 -26.26 3.87 -0.55
C GLN D 168 -25.44 2.90 -1.40
N ASP D 169 -25.89 2.69 -2.64
CA ASP D 169 -25.35 1.64 -3.49
C ASP D 169 -23.92 1.95 -3.94
N SER D 170 -23.12 0.89 -4.09
CA SER D 170 -21.72 1.02 -4.47
C SER D 170 -21.53 1.81 -5.75
N LYS D 171 -22.33 1.49 -6.77
CA LYS D 171 -22.14 2.01 -8.13
C LYS D 171 -22.92 3.30 -8.40
N ASP D 172 -24.25 3.22 -8.32
CA ASP D 172 -25.11 4.35 -8.68
C ASP D 172 -25.48 5.26 -7.50
N SER D 173 -24.98 4.96 -6.31
CA SER D 173 -25.21 5.82 -5.15
C SER D 173 -26.70 6.11 -4.90
N THR D 174 -27.52 5.07 -4.97
CA THR D 174 -28.96 5.22 -4.75
C THR D 174 -29.39 4.35 -3.61
N TYR D 175 -30.60 4.62 -3.13
CA TYR D 175 -31.20 3.89 -2.04
C TYR D 175 -32.39 3.11 -2.56
N SER D 176 -32.75 2.05 -1.85
CA SER D 176 -34.00 1.35 -2.12
C SER D 176 -34.72 1.10 -0.80
N LEU D 177 -36.03 0.91 -0.87
CA LEU D 177 -36.85 0.89 0.32
C LEU D 177 -38.04 -0.04 0.16
N SER D 178 -38.39 -0.75 1.22
CA SER D 178 -39.52 -1.67 1.17
C SER D 178 -40.48 -1.39 2.31
N SER D 179 -41.73 -1.16 1.95
CA SER D 179 -42.78 -0.95 2.93
C SER D 179 -43.64 -2.21 2.94
N THR D 180 -43.98 -2.70 4.13
CA THR D 180 -44.76 -3.91 4.26
C THR D 180 -45.94 -3.74 5.18
N LEU D 181 -47.12 -3.92 4.58
CA LEU D 181 -48.40 -3.86 5.26
C LEU D 181 -48.76 -5.27 5.71
N THR D 182 -49.25 -5.40 6.94
CA THR D 182 -49.55 -6.70 7.50
C THR D 182 -50.99 -6.74 8.02
N LEU D 183 -51.73 -7.75 7.58
CA LEU D 183 -53.16 -7.88 7.90
C LEU D 183 -53.50 -9.31 8.31
N SER D 184 -54.59 -9.47 9.06
CA SER D 184 -55.16 -10.79 9.27
C SER D 184 -55.85 -11.18 7.98
N LYS D 185 -55.86 -12.46 7.63
CA LYS D 185 -56.50 -12.87 6.38
C LYS D 185 -57.90 -12.30 6.30
N ALA D 186 -58.62 -12.41 7.42
CA ALA D 186 -59.96 -11.88 7.53
C ALA D 186 -60.03 -10.46 6.98
N ASP D 187 -59.36 -9.55 7.69
CA ASP D 187 -59.35 -8.14 7.32
C ASP D 187 -58.95 -7.94 5.86
N TYR D 188 -58.05 -8.79 5.38
CA TYR D 188 -57.59 -8.69 4.01
C TYR D 188 -58.75 -8.93 3.04
N GLU D 189 -59.35 -10.11 3.12
CA GLU D 189 -60.42 -10.43 2.20
C GLU D 189 -61.62 -9.52 2.42
N LYS D 190 -61.65 -8.81 3.55
CA LYS D 190 -62.73 -7.88 3.86
C LYS D 190 -62.79 -6.72 2.85
N HIS D 191 -61.65 -6.32 2.27
CA HIS D 191 -61.61 -5.20 1.32
C HIS D 191 -61.12 -5.65 -0.05
N LYS D 192 -61.11 -4.73 -1.02
CA LYS D 192 -60.78 -5.09 -2.41
C LYS D 192 -59.55 -4.38 -2.98
N VAL D 193 -59.60 -3.05 -3.08
CA VAL D 193 -58.51 -2.29 -3.70
C VAL D 193 -57.34 -1.99 -2.75
N TYR D 194 -56.14 -2.42 -3.14
CA TYR D 194 -54.95 -2.14 -2.33
C TYR D 194 -53.95 -1.30 -3.10
N ALA D 195 -53.56 -0.18 -2.51
CA ALA D 195 -52.75 0.81 -3.20
C ALA D 195 -51.65 1.34 -2.33
N CYS D 196 -50.58 1.77 -2.98
CA CYS D 196 -49.38 2.27 -2.32
C CYS D 196 -48.99 3.56 -3.03
N GLU D 197 -49.03 4.67 -2.29
CA GLU D 197 -48.77 5.99 -2.87
C GLU D 197 -47.43 6.56 -2.40
N VAL D 198 -46.51 6.69 -3.35
CA VAL D 198 -45.16 7.15 -3.09
C VAL D 198 -44.94 8.60 -3.49
N THR D 199 -44.51 9.40 -2.52
CA THR D 199 -44.11 10.78 -2.79
C THR D 199 -42.59 10.86 -2.70
N HIS D 200 -41.97 11.41 -3.74
CA HIS D 200 -40.52 11.59 -3.73
C HIS D 200 -40.11 12.88 -4.44
N GLN D 201 -38.89 13.33 -4.16
CA GLN D 201 -38.40 14.59 -4.67
C GLN D 201 -38.27 14.59 -6.18
N GLY D 202 -38.21 13.39 -6.77
CA GLY D 202 -38.02 13.24 -8.20
C GLY D 202 -39.28 12.85 -8.94
N LEU D 203 -40.43 13.06 -8.31
CA LEU D 203 -41.71 12.85 -8.97
C LEU D 203 -42.50 14.15 -8.97
N SER D 204 -42.79 14.66 -10.16
CA SER D 204 -43.53 15.91 -10.29
C SER D 204 -44.80 15.85 -9.46
N SER D 205 -45.43 14.67 -9.42
CA SER D 205 -46.53 14.42 -8.50
C SER D 205 -46.54 12.96 -8.05
N PRO D 206 -47.10 12.71 -6.86
CA PRO D 206 -47.16 11.39 -6.23
C PRO D 206 -47.68 10.27 -7.14
N VAL D 207 -46.94 9.17 -7.13
CA VAL D 207 -47.24 7.99 -7.93
C VAL D 207 -47.97 6.95 -7.10
N THR D 208 -49.04 6.37 -7.64
CA THR D 208 -49.77 5.34 -6.91
C THR D 208 -49.77 4.02 -7.68
N LYS D 209 -49.43 2.94 -6.99
CA LYS D 209 -49.43 1.60 -7.58
C LYS D 209 -50.42 0.72 -6.83
N SER D 210 -51.31 0.07 -7.56
CA SER D 210 -52.39 -0.67 -6.92
C SER D 210 -52.72 -2.00 -7.59
N PHE D 211 -53.52 -2.80 -6.90
CA PHE D 211 -54.16 -3.97 -7.49
C PHE D 211 -55.54 -4.17 -6.86
N ASN D 212 -56.39 -4.96 -7.50
CA ASN D 212 -57.61 -5.41 -6.87
C ASN D 212 -57.48 -6.87 -6.50
N ARG D 213 -57.80 -7.20 -5.25
CA ARG D 213 -57.69 -8.56 -4.77
C ARG D 213 -58.58 -9.50 -5.58
N GLY D 214 -58.00 -10.60 -6.06
CA GLY D 214 -58.72 -11.58 -6.85
C GLY D 214 -58.80 -11.24 -8.33
N GLU D 215 -57.78 -10.58 -8.85
CA GLU D 215 -57.74 -10.21 -10.27
C GLU D 215 -56.54 -10.81 -10.98
N CYS D 216 -56.44 -10.52 -12.27
CA CYS D 216 -55.36 -11.04 -13.11
C CYS D 216 -55.12 -10.11 -14.30
#